data_8CN2
#
_entry.id   8CN2
#
_cell.length_a   70.881
_cell.length_b   64.779
_cell.length_c   84.298
_cell.angle_alpha   90.00
_cell.angle_beta   102.13
_cell.angle_gamma   90.00
#
_symmetry.space_group_name_H-M   'P 1 21 1'
#
loop_
_entity.id
_entity.type
_entity.pdbx_description
1 polymer '3-oxoacyl-[acyl-carrier-protein] synthase 2'
2 non-polymer 'DIMETHYL SULFOXIDE'
3 non-polymer ~{N}-(2-methylpropyl)-1~{H}-pyrazole-3-carboxamide
4 water water
#
_entity_poly.entity_id   1
_entity_poly.type   'polypeptide(L)'
_entity_poly.pdbx_seq_one_letter_code
;SRRRVVITGMGMLSPLGLDVPSSWEGILAGRSGIAPIEHMDLSAYSTRFGGSVKGFNVEEYLSAKEARKLDLFIQYGLAA
SFQAVRDSGLEVTDANRERIGVSMGSGIGGLTNIENNCRSLFEQGPRRISPFFVPGSIINMVSGFLSIHLGLQGPNYALT
TAQTTGTHSIGMAARNIAYGEADVMVAGGSEMAACGLGLGGFGAARALSTRNDEPTRASRPWDRDRDGFVLSDGSGALVL
EELEHARARGARIYAELVGFGMSGDAFHMTAPPEDGAGAARCMKNALRDAGLDPRQVDYINAHGTSTPAGDIAEIAAVKS
VFGEHAHALSMSSTKSMTGHLLGAAGAVEAIFSVLALRDQVAPPTINLDNPDEGCDLDLVAHEAKPRKIDVALSNSFGFG
GTNGTLVFRRFA
;
_entity_poly.pdbx_strand_id   B,A
#
# COMPACT_ATOMS: atom_id res chain seq x y z
N SER A 1 -21.51 13.53 11.54
CA SER A 1 -22.18 13.14 10.26
C SER A 1 -21.15 13.22 9.14
N ARG A 2 -21.00 12.18 8.36
CA ARG A 2 -20.00 12.07 7.28
C ARG A 2 -20.62 12.60 6.00
N ARG A 3 -19.80 12.88 5.00
CA ARG A 3 -20.31 13.22 3.65
C ARG A 3 -20.66 11.92 2.94
N ARG A 4 -21.62 11.98 2.05
CA ARG A 4 -21.99 10.80 1.24
C ARG A 4 -21.07 10.73 0.01
N VAL A 5 -20.79 9.50 -0.43
CA VAL A 5 -19.81 9.17 -1.50
C VAL A 5 -20.53 8.35 -2.57
N VAL A 6 -20.48 8.85 -3.79
CA VAL A 6 -21.12 8.21 -4.96
C VAL A 6 -20.05 7.87 -6.00
N ILE A 7 -20.38 6.92 -6.86
CA ILE A 7 -19.53 6.51 -8.00
C ILE A 7 -20.03 7.23 -9.23
N THR A 8 -19.15 7.95 -9.92
CA THR A 8 -19.53 8.78 -11.08
C THR A 8 -18.77 8.35 -12.33
N GLY A 9 -17.76 7.49 -12.19
CA GLY A 9 -16.95 7.00 -13.31
C GLY A 9 -16.32 5.67 -13.01
N MET A 10 -16.24 4.81 -14.03
CA MET A 10 -15.61 3.48 -13.88
C MET A 10 -14.80 3.17 -15.13
N GLY A 11 -13.71 2.43 -14.91
CA GLY A 11 -12.85 2.00 -16.01
C GLY A 11 -12.28 0.63 -15.71
N MET A 12 -11.96 -0.11 -16.76
CA MET A 12 -11.50 -1.48 -16.53
C MET A 12 -10.75 -2.09 -17.69
N LEU A 13 -9.80 -2.96 -17.37
CA LEU A 13 -9.19 -3.86 -18.37
C LEU A 13 -9.37 -5.23 -17.70
N SER A 14 -9.97 -6.18 -18.40
CA SER A 14 -10.18 -7.52 -17.81
C SER A 14 -9.95 -8.59 -18.86
N PRO A 15 -9.82 -9.86 -18.45
CA PRO A 15 -9.82 -10.93 -19.44
C PRO A 15 -11.10 -10.98 -20.29
N LEU A 16 -12.13 -10.23 -19.94
CA LEU A 16 -13.39 -10.22 -20.72
C LEU A 16 -13.49 -8.97 -21.61
N GLY A 17 -12.63 -7.97 -21.45
CA GLY A 17 -12.83 -6.76 -22.26
C GLY A 17 -11.84 -5.68 -21.92
N LEU A 18 -11.66 -4.75 -22.86
CA LEU A 18 -10.69 -3.63 -22.75
C LEU A 18 -11.39 -2.41 -22.14
N ASP A 19 -12.65 -2.54 -21.75
CA ASP A 19 -13.39 -1.46 -21.02
C ASP A 19 -14.48 -2.10 -20.17
N VAL A 20 -15.26 -1.27 -19.47
CA VAL A 20 -16.33 -1.76 -18.58
C VAL A 20 -17.48 -2.39 -19.36
N PRO A 21 -18.07 -1.72 -20.37
N PRO A 21 -18.12 -1.69 -20.33
CA PRO A 21 -19.23 -2.28 -21.06
CA PRO A 21 -19.24 -2.29 -21.07
C PRO A 21 -18.91 -3.62 -21.77
C PRO A 21 -18.88 -3.65 -21.69
N SER A 22 -17.71 -3.78 -22.33
CA SER A 22 -17.32 -5.06 -22.99
C SER A 22 -17.19 -6.12 -21.89
N SER A 23 -16.53 -5.79 -20.80
CA SER A 23 -16.34 -6.75 -19.68
C SER A 23 -17.70 -7.18 -19.16
N TRP A 24 -18.61 -6.22 -18.96
CA TRP A 24 -19.92 -6.47 -18.35
C TRP A 24 -20.78 -7.31 -19.30
N GLU A 25 -20.68 -7.08 -20.61
CA GLU A 25 -21.37 -7.91 -21.62
C GLU A 25 -20.89 -9.37 -21.47
N GLY A 26 -19.60 -9.59 -21.29
CA GLY A 26 -19.05 -10.94 -21.04
C GLY A 26 -19.60 -11.55 -19.76
N ILE A 27 -19.53 -10.80 -18.66
CA ILE A 27 -20.02 -11.25 -17.34
C ILE A 27 -21.47 -11.74 -17.49
N LEU A 28 -22.35 -10.91 -18.07
CA LEU A 28 -23.80 -11.23 -18.12
C LEU A 28 -24.04 -12.36 -19.13
N ALA A 29 -23.14 -12.59 -20.10
CA ALA A 29 -23.28 -13.69 -21.09
C ALA A 29 -22.66 -14.97 -20.54
N GLY A 30 -22.03 -14.97 -19.37
CA GLY A 30 -21.45 -16.20 -18.80
C GLY A 30 -20.19 -16.59 -19.54
N ARG A 31 -19.55 -15.63 -20.20
CA ARG A 31 -18.35 -15.90 -21.02
C ARG A 31 -17.09 -16.05 -20.14
N SER A 32 -16.21 -16.98 -20.49
CA SER A 32 -14.91 -17.11 -19.79
C SER A 32 -13.85 -16.28 -20.51
N GLY A 33 -12.95 -15.62 -19.78
CA GLY A 33 -11.78 -14.97 -20.39
C GLY A 33 -10.50 -15.77 -20.17
N ILE A 34 -10.62 -17.04 -19.80
CA ILE A 34 -9.46 -17.87 -19.41
C ILE A 34 -9.01 -18.64 -20.66
N ALA A 35 -7.71 -18.67 -20.90
CA ALA A 35 -7.11 -19.36 -22.05
C ALA A 35 -5.67 -19.70 -21.76
N PRO A 36 -5.09 -20.66 -22.53
CA PRO A 36 -3.66 -20.95 -22.44
C PRO A 36 -2.92 -19.63 -22.63
N ILE A 37 -1.94 -19.36 -21.79
CA ILE A 37 -1.07 -18.15 -21.91
C ILE A 37 -0.13 -18.31 -23.11
N GLU A 38 -0.02 -17.25 -23.92
CA GLU A 38 0.71 -17.23 -25.20
C GLU A 38 2.04 -16.48 -25.05
N HIS A 39 2.19 -15.64 -24.03
CA HIS A 39 3.32 -14.67 -24.07
C HIS A 39 4.61 -15.31 -23.52
N MET A 40 4.73 -16.66 -23.40
CA MET A 40 5.90 -17.27 -22.70
C MET A 40 5.91 -18.80 -22.76
N ASP A 41 7.09 -19.40 -22.58
CA ASP A 41 7.33 -20.88 -22.56
C ASP A 41 6.99 -21.43 -21.17
N LEU A 42 5.82 -22.07 -21.00
CA LEU A 42 5.34 -22.55 -19.67
C LEU A 42 5.48 -24.08 -19.60
N SER A 43 6.36 -24.68 -20.39
CA SER A 43 6.51 -26.16 -20.42
CA SER A 43 6.58 -26.16 -20.43
C SER A 43 6.84 -26.69 -19.02
N ALA A 44 7.72 -26.04 -18.28
CA ALA A 44 8.15 -26.57 -16.97
C ALA A 44 7.13 -26.25 -15.85
N TYR A 45 6.01 -25.57 -16.17
CA TYR A 45 5.00 -25.08 -15.18
C TYR A 45 3.84 -26.05 -15.09
N SER A 46 3.19 -26.17 -13.92
CA SER A 46 2.02 -27.05 -13.67
C SER A 46 0.71 -26.37 -14.10
N THR A 47 0.71 -25.04 -14.29
CA THR A 47 -0.44 -24.27 -14.80
C THR A 47 0.03 -23.46 -16.01
N ARG A 48 -0.68 -23.56 -17.12
CA ARG A 48 -0.24 -22.97 -18.42
C ARG A 48 -1.32 -22.04 -18.98
N PHE A 49 -2.30 -21.68 -18.16
CA PHE A 49 -3.44 -20.85 -18.60
C PHE A 49 -3.72 -19.80 -17.52
N GLY A 50 -4.53 -18.83 -17.89
CA GLY A 50 -4.93 -17.74 -17.00
C GLY A 50 -5.76 -16.74 -17.78
N GLY A 51 -6.13 -15.63 -17.13
CA GLY A 51 -6.94 -14.57 -17.74
C GLY A 51 -6.00 -13.46 -18.14
N SER A 52 -5.66 -13.36 -19.41
CA SER A 52 -4.78 -12.28 -19.94
C SER A 52 -5.68 -11.17 -20.42
N VAL A 53 -5.21 -9.94 -20.37
CA VAL A 53 -5.84 -8.83 -21.15
C VAL A 53 -5.43 -8.99 -22.62
N LYS A 54 -6.40 -9.13 -23.51
CA LYS A 54 -6.15 -9.45 -24.94
C LYS A 54 -6.33 -8.17 -25.76
N GLY A 55 -5.30 -7.77 -26.49
CA GLY A 55 -5.39 -6.70 -27.48
C GLY A 55 -5.26 -5.33 -26.84
N PHE A 56 -4.61 -5.23 -25.69
CA PHE A 56 -4.43 -3.92 -25.01
C PHE A 56 -3.47 -3.04 -25.81
N ASN A 57 -3.87 -1.81 -26.09
CA ASN A 57 -3.06 -0.84 -26.86
C ASN A 57 -2.74 0.35 -25.96
N VAL A 58 -1.56 0.31 -25.35
CA VAL A 58 -1.15 1.34 -24.38
C VAL A 58 -1.09 2.72 -25.07
N GLU A 59 -0.89 2.75 -26.39
CA GLU A 59 -0.71 4.03 -27.11
C GLU A 59 -2.03 4.77 -27.26
N GLU A 60 -3.13 4.15 -26.87
CA GLU A 60 -4.41 4.90 -26.72
C GLU A 60 -4.36 5.80 -25.48
N TYR A 61 -3.39 5.60 -24.58
CA TYR A 61 -3.32 6.29 -23.26
C TYR A 61 -2.03 7.09 -23.12
N LEU A 62 -0.92 6.46 -23.52
CA LEU A 62 0.46 6.98 -23.37
C LEU A 62 1.19 6.96 -24.71
N SER A 63 2.18 7.84 -24.83
CA SER A 63 3.24 7.74 -25.87
C SER A 63 4.03 6.46 -25.63
N ALA A 64 4.51 5.84 -26.70
CA ALA A 64 5.29 4.59 -26.67
C ALA A 64 6.43 4.79 -25.69
N LYS A 65 6.96 6.01 -25.65
CA LYS A 65 8.15 6.32 -24.82
C LYS A 65 7.77 6.44 -23.34
N GLU A 66 6.62 7.04 -23.00
CA GLU A 66 6.12 7.04 -21.59
C GLU A 66 5.90 5.56 -21.20
N ALA A 67 5.26 4.79 -22.07
CA ALA A 67 4.80 3.41 -21.78
C ALA A 67 6.00 2.48 -21.56
N ARG A 68 7.12 2.70 -22.27
CA ARG A 68 8.34 1.86 -22.14
C ARG A 68 8.90 1.99 -20.72
N LYS A 69 8.61 3.09 -20.07
CA LYS A 69 9.13 3.35 -18.72
C LYS A 69 8.36 2.55 -17.64
N LEU A 70 7.20 1.95 -17.95
CA LEU A 70 6.23 1.50 -16.91
C LEU A 70 5.94 0.01 -17.07
N ASP A 71 5.96 -0.74 -15.96
CA ASP A 71 5.48 -2.14 -15.94
C ASP A 71 4.04 -2.21 -16.49
N LEU A 72 3.65 -3.38 -17.00
CA LEU A 72 2.28 -3.64 -17.47
C LEU A 72 1.26 -3.33 -16.37
N PHE A 73 1.52 -3.69 -15.11
CA PHE A 73 0.48 -3.45 -14.07
C PHE A 73 0.26 -1.94 -14.01
N ILE A 74 1.31 -1.13 -14.16
CA ILE A 74 1.11 0.35 -14.14
C ILE A 74 0.33 0.83 -15.37
N GLN A 75 0.70 0.30 -16.55
CA GLN A 75 -0.02 0.60 -17.80
C GLN A 75 -1.50 0.26 -17.60
N TYR A 76 -1.80 -0.91 -17.05
CA TYR A 76 -3.20 -1.34 -16.84
C TYR A 76 -3.93 -0.42 -15.84
N GLY A 77 -3.27 -0.03 -14.74
CA GLY A 77 -3.90 0.87 -13.75
C GLY A 77 -4.20 2.24 -14.37
N LEU A 78 -3.26 2.79 -15.15
CA LEU A 78 -3.43 4.07 -15.85
C LEU A 78 -4.59 3.98 -16.85
N ALA A 79 -4.63 2.90 -17.64
CA ALA A 79 -5.74 2.66 -18.62
C ALA A 79 -7.09 2.75 -17.89
N ALA A 80 -7.29 1.94 -16.84
CA ALA A 80 -8.55 1.90 -16.07
C ALA A 80 -8.83 3.29 -15.50
N SER A 81 -7.83 3.99 -14.98
CA SER A 81 -7.97 5.31 -14.32
C SER A 81 -8.39 6.37 -15.34
N PHE A 82 -7.74 6.41 -16.49
CA PHE A 82 -8.07 7.37 -17.57
C PHE A 82 -9.49 7.10 -18.06
N GLN A 83 -9.88 5.84 -18.20
CA GLN A 83 -11.27 5.48 -18.55
C GLN A 83 -12.25 6.03 -17.51
N ALA A 84 -11.92 5.89 -16.24
CA ALA A 84 -12.86 6.21 -15.15
C ALA A 84 -13.02 7.75 -15.10
N VAL A 85 -11.91 8.48 -15.17
CA VAL A 85 -11.96 9.96 -15.15
C VAL A 85 -12.78 10.46 -16.34
N ARG A 86 -12.50 9.95 -17.53
CA ARG A 86 -13.24 10.27 -18.76
C ARG A 86 -14.73 9.94 -18.57
N ASP A 87 -15.04 8.75 -18.06
CA ASP A 87 -16.42 8.27 -17.84
C ASP A 87 -17.16 9.21 -16.86
N SER A 88 -16.45 9.85 -15.93
CA SER A 88 -17.05 10.72 -14.88
C SER A 88 -17.40 12.11 -15.43
N GLY A 89 -16.79 12.53 -16.55
CA GLY A 89 -16.92 13.89 -17.10
C GLY A 89 -16.25 14.93 -16.22
N LEU A 90 -15.48 14.56 -15.21
CA LEU A 90 -14.90 15.56 -14.29
C LEU A 90 -13.93 16.47 -15.03
N GLU A 91 -13.96 17.75 -14.67
CA GLU A 91 -13.06 18.79 -15.20
C GLU A 91 -12.15 19.18 -14.04
N VAL A 92 -10.85 18.90 -14.18
CA VAL A 92 -9.82 19.28 -13.19
C VAL A 92 -9.44 20.72 -13.48
N THR A 93 -9.49 21.54 -12.46
CA THR A 93 -9.23 23.00 -12.53
C THR A 93 -8.30 23.41 -11.40
N ASP A 94 -7.72 24.60 -11.52
CA ASP A 94 -6.97 25.23 -10.42
C ASP A 94 -7.85 25.34 -9.17
N ALA A 95 -9.15 25.49 -9.33
CA ALA A 95 -10.12 25.58 -8.22
C ALA A 95 -10.24 24.24 -7.49
N ASN A 96 -10.10 23.08 -8.15
CA ASN A 96 -10.44 21.80 -7.47
C ASN A 96 -9.28 20.81 -7.40
N ARG A 97 -8.12 21.10 -8.00
CA ARG A 97 -7.10 20.04 -8.21
C ARG A 97 -6.55 19.58 -6.86
N GLU A 98 -6.56 20.41 -5.84
CA GLU A 98 -6.07 20.05 -4.49
C GLU A 98 -7.07 19.12 -3.78
N ARG A 99 -8.29 18.97 -4.32
CA ARG A 99 -9.38 18.16 -3.75
C ARG A 99 -9.56 16.83 -4.49
N ILE A 100 -8.69 16.53 -5.44
CA ILE A 100 -8.79 15.31 -6.29
C ILE A 100 -7.53 14.51 -6.06
N GLY A 101 -7.71 13.30 -5.56
CA GLY A 101 -6.61 12.40 -5.20
C GLY A 101 -6.75 11.08 -5.90
N VAL A 102 -5.81 10.19 -5.61
CA VAL A 102 -5.70 8.88 -6.29
CA VAL A 102 -5.78 8.87 -6.26
C VAL A 102 -5.19 7.86 -5.28
N SER A 103 -5.86 6.72 -5.20
CA SER A 103 -5.46 5.51 -4.48
C SER A 103 -5.67 4.30 -5.38
N MET A 104 -4.68 4.03 -6.20
CA MET A 104 -4.69 2.85 -7.11
C MET A 104 -3.61 1.93 -6.56
N GLY A 105 -3.98 0.71 -6.24
CA GLY A 105 -2.96 -0.19 -5.67
C GLY A 105 -2.68 -1.40 -6.54
N SER A 106 -1.86 -2.29 -6.00
CA SER A 106 -1.59 -3.59 -6.62
C SER A 106 -1.20 -4.57 -5.51
N GLY A 107 -1.51 -5.84 -5.65
CA GLY A 107 -1.15 -6.89 -4.69
C GLY A 107 0.32 -7.29 -4.80
N ILE A 108 0.81 -7.45 -6.03
CA ILE A 108 2.17 -8.00 -6.28
C ILE A 108 3.00 -7.00 -7.09
N GLY A 109 2.38 -6.09 -7.83
CA GLY A 109 3.14 -5.00 -8.47
C GLY A 109 4.01 -5.52 -9.59
N GLY A 110 5.27 -5.08 -9.66
CA GLY A 110 6.05 -5.06 -10.90
C GLY A 110 6.88 -6.30 -11.12
N LEU A 111 6.25 -7.47 -11.00
CA LEU A 111 6.90 -8.81 -11.10
C LEU A 111 7.49 -9.02 -12.48
N THR A 112 6.77 -8.66 -13.53
CA THR A 112 7.25 -8.80 -14.92
C THR A 112 8.49 -7.94 -15.14
N ASN A 113 8.45 -6.69 -14.72
CA ASN A 113 9.62 -5.78 -14.86
C ASN A 113 10.77 -6.33 -14.03
N ILE A 114 10.48 -6.84 -12.85
CA ILE A 114 11.57 -7.34 -11.96
C ILE A 114 12.20 -8.56 -12.62
N GLU A 115 11.39 -9.47 -13.14
CA GLU A 115 11.85 -10.65 -13.90
C GLU A 115 12.77 -10.22 -15.02
N ASN A 116 12.36 -9.21 -15.79
CA ASN A 116 13.09 -8.82 -17.01
C ASN A 116 14.40 -8.20 -16.57
N ASN A 117 14.41 -7.43 -15.49
CA ASN A 117 15.64 -6.78 -15.01
C ASN A 117 16.53 -7.83 -14.34
N CYS A 118 15.95 -8.86 -13.73
CA CYS A 118 16.79 -9.96 -13.18
C CYS A 118 17.52 -10.68 -14.32
N ARG A 119 16.81 -10.96 -15.43
CA ARG A 119 17.43 -11.61 -16.61
C ARG A 119 18.66 -10.77 -17.00
N SER A 120 18.50 -9.48 -17.26
CA SER A 120 19.65 -8.61 -17.66
CA SER A 120 19.66 -8.63 -17.67
C SER A 120 20.74 -8.66 -16.57
N LEU A 121 20.37 -8.49 -15.29
CA LEU A 121 21.33 -8.43 -14.15
C LEU A 121 22.24 -9.68 -14.13
N PHE A 122 21.68 -10.87 -14.35
CA PHE A 122 22.40 -12.16 -14.21
C PHE A 122 23.15 -12.51 -15.51
N GLU A 123 22.64 -12.06 -16.67
CA GLU A 123 23.26 -12.36 -17.99
C GLU A 123 24.43 -11.40 -18.21
N GLN A 124 24.22 -10.10 -18.01
CA GLN A 124 25.10 -9.02 -18.50
C GLN A 124 25.62 -8.15 -17.35
N GLY A 125 25.10 -8.32 -16.12
CA GLY A 125 25.53 -7.55 -14.93
C GLY A 125 24.69 -6.29 -14.72
N PRO A 126 24.91 -5.56 -13.60
CA PRO A 126 24.03 -4.44 -13.24
C PRO A 126 23.99 -3.22 -14.19
N ARG A 127 24.98 -3.05 -15.07
CA ARG A 127 25.07 -1.90 -16.04
C ARG A 127 23.88 -2.00 -17.00
N ARG A 128 23.23 -3.16 -17.04
CA ARG A 128 22.13 -3.38 -18.01
C ARG A 128 20.75 -3.20 -17.35
N ILE A 129 20.75 -2.84 -16.06
CA ILE A 129 19.45 -2.59 -15.39
C ILE A 129 18.94 -1.26 -15.92
N SER A 130 17.67 -1.15 -16.26
CA SER A 130 17.06 0.09 -16.77
C SER A 130 17.10 1.19 -15.71
N PRO A 131 17.43 2.44 -16.09
CA PRO A 131 17.34 3.59 -15.18
C PRO A 131 15.95 3.86 -14.59
N PHE A 132 14.92 3.38 -15.28
CA PHE A 132 13.50 3.56 -14.93
C PHE A 132 12.99 2.33 -14.18
N PHE A 133 13.88 1.38 -13.91
CA PHE A 133 13.51 0.11 -13.25
C PHE A 133 12.73 0.37 -11.95
N VAL A 134 13.24 1.20 -11.04
CA VAL A 134 12.55 1.41 -9.74
C VAL A 134 11.27 2.23 -9.92
N PRO A 135 11.29 3.47 -10.44
CA PRO A 135 10.06 4.24 -10.54
C PRO A 135 9.03 3.61 -11.49
N GLY A 136 9.47 2.87 -12.51
CA GLY A 136 8.60 2.15 -13.45
C GLY A 136 8.07 0.84 -12.91
N SER A 137 8.44 0.41 -11.70
CA SER A 137 8.06 -0.92 -11.14
C SER A 137 7.30 -0.82 -9.81
N ILE A 138 7.32 0.32 -9.15
CA ILE A 138 6.80 0.43 -7.76
C ILE A 138 5.31 0.71 -7.82
N ILE A 139 4.60 0.15 -6.85
CA ILE A 139 3.12 0.07 -6.84
C ILE A 139 2.53 1.49 -6.84
N ASN A 140 3.21 2.51 -6.29
CA ASN A 140 2.54 3.82 -6.13
C ASN A 140 2.61 4.59 -7.45
N MET A 141 3.20 4.02 -8.49
CA MET A 141 3.44 4.79 -9.73
C MET A 141 2.16 4.90 -10.56
N VAL A 142 1.13 4.09 -10.34
CA VAL A 142 -0.18 4.39 -11.00
C VAL A 142 -0.71 5.73 -10.42
N SER A 143 -0.84 5.81 -9.09
CA SER A 143 -1.24 7.05 -8.38
C SER A 143 -0.31 8.18 -8.83
N GLY A 144 1.00 7.93 -8.90
CA GLY A 144 1.97 9.00 -9.24
C GLY A 144 1.80 9.49 -10.66
N PHE A 145 1.75 8.58 -11.63
CA PHE A 145 1.70 8.99 -13.04
C PHE A 145 0.35 9.65 -13.32
N LEU A 146 -0.75 9.10 -12.76
CA LEU A 146 -2.10 9.63 -13.03
C LEU A 146 -2.15 11.08 -12.51
N SER A 147 -1.66 11.29 -11.29
CA SER A 147 -1.65 12.64 -10.67
CA SER A 147 -1.63 12.62 -10.66
C SER A 147 -0.83 13.61 -11.54
N ILE A 148 0.34 13.19 -12.05
CA ILE A 148 1.19 14.07 -12.91
C ILE A 148 0.44 14.37 -14.21
N HIS A 149 -0.11 13.35 -14.85
CA HIS A 149 -0.82 13.53 -16.13
C HIS A 149 -2.07 14.42 -16.01
N LEU A 150 -2.86 14.31 -14.94
CA LEU A 150 -4.17 15.00 -14.83
C LEU A 150 -4.04 16.22 -13.93
N GLY A 151 -2.89 16.42 -13.32
CA GLY A 151 -2.64 17.56 -12.42
C GLY A 151 -3.40 17.41 -11.10
N LEU A 152 -3.40 16.21 -10.50
CA LEU A 152 -4.15 15.93 -9.23
C LEU A 152 -3.23 16.17 -8.04
N GLN A 153 -3.60 17.10 -7.15
CA GLN A 153 -2.73 17.49 -6.02
C GLN A 153 -3.32 17.01 -4.70
N GLY A 154 -4.40 16.23 -4.75
CA GLY A 154 -5.05 15.71 -3.54
C GLY A 154 -4.25 14.54 -2.98
N PRO A 155 -4.81 13.82 -1.99
CA PRO A 155 -4.11 12.70 -1.37
C PRO A 155 -3.69 11.72 -2.47
N ASN A 156 -2.42 11.33 -2.44
CA ASN A 156 -1.78 10.48 -3.46
C ASN A 156 -1.18 9.27 -2.73
N TYR A 157 -1.79 8.11 -2.85
CA TYR A 157 -1.20 6.94 -2.17
C TYR A 157 -1.59 5.67 -2.90
N ALA A 158 -1.05 4.55 -2.42
CA ALA A 158 -1.38 3.23 -2.94
C ALA A 158 -1.41 2.24 -1.77
N LEU A 159 -2.40 1.37 -1.87
CA LEU A 159 -2.53 0.28 -0.92
C LEU A 159 -2.01 -0.99 -1.59
N THR A 160 -1.44 -1.86 -0.79
CA THR A 160 -1.07 -3.23 -1.20
C THR A 160 -1.52 -4.14 -0.06
N THR A 161 -2.66 -4.80 -0.24
CA THR A 161 -3.22 -5.79 0.71
C THR A 161 -3.52 -7.07 -0.05
N ALA A 162 -2.59 -7.46 -0.94
CA ALA A 162 -2.63 -8.70 -1.71
C ALA A 162 -3.97 -8.75 -2.45
N GLN A 163 -4.76 -9.81 -2.26
CA GLN A 163 -6.00 -10.01 -3.04
C GLN A 163 -7.11 -9.08 -2.54
N THR A 164 -6.88 -8.27 -1.50
CA THR A 164 -7.91 -7.37 -0.91
C THR A 164 -7.67 -5.93 -1.38
N THR A 165 -6.56 -5.70 -2.11
CA THR A 165 -6.04 -4.36 -2.49
C THR A 165 -7.19 -3.48 -3.06
N GLY A 166 -7.88 -3.95 -4.10
CA GLY A 166 -8.85 -3.11 -4.81
C GLY A 166 -10.00 -2.73 -3.88
N THR A 167 -10.46 -3.66 -3.06
CA THR A 167 -11.51 -3.39 -2.05
C THR A 167 -11.02 -2.31 -1.10
N HIS A 168 -9.86 -2.50 -0.47
CA HIS A 168 -9.31 -1.55 0.53
C HIS A 168 -9.10 -0.18 -0.11
N SER A 169 -8.56 -0.13 -1.33
CA SER A 169 -8.23 1.11 -2.04
C SER A 169 -9.50 1.94 -2.19
N ILE A 170 -10.55 1.28 -2.63
CA ILE A 170 -11.86 1.96 -2.84
C ILE A 170 -12.47 2.38 -1.50
N GLY A 171 -12.40 1.53 -0.48
CA GLY A 171 -12.96 1.81 0.84
C GLY A 171 -12.27 3.00 1.50
N MET A 172 -10.95 3.02 1.52
CA MET A 172 -10.17 4.11 2.16
C MET A 172 -10.28 5.41 1.38
N ALA A 173 -10.40 5.35 0.05
CA ALA A 173 -10.65 6.54 -0.79
C ALA A 173 -11.99 7.15 -0.39
N ALA A 174 -12.99 6.30 -0.18
CA ALA A 174 -14.35 6.69 0.22
C ALA A 174 -14.28 7.35 1.61
N ARG A 175 -13.46 6.83 2.51
CA ARG A 175 -13.26 7.45 3.84
C ARG A 175 -12.66 8.85 3.63
N ASN A 176 -11.70 9.00 2.71
CA ASN A 176 -11.01 10.28 2.47
C ASN A 176 -12.06 11.34 2.16
N ILE A 177 -13.04 10.96 1.35
CA ILE A 177 -14.08 11.89 0.86
C ILE A 177 -15.09 12.12 2.00
N ALA A 178 -15.55 11.04 2.63
CA ALA A 178 -16.58 11.08 3.71
C ALA A 178 -16.13 12.03 4.83
N TYR A 179 -14.84 12.06 5.12
CA TYR A 179 -14.28 12.85 6.25
C TYR A 179 -13.65 14.16 5.78
N GLY A 180 -13.88 14.54 4.54
CA GLY A 180 -13.62 15.90 4.06
C GLY A 180 -12.19 16.10 3.62
N GLU A 181 -11.40 15.05 3.42
CA GLU A 181 -9.97 15.24 3.03
C GLU A 181 -9.81 15.32 1.51
N ALA A 182 -10.83 14.95 0.76
CA ALA A 182 -10.85 15.15 -0.71
C ALA A 182 -12.31 15.19 -1.13
N ASP A 183 -12.58 15.78 -2.27
CA ASP A 183 -13.93 15.76 -2.87
C ASP A 183 -14.04 14.67 -3.93
N VAL A 184 -12.92 14.24 -4.52
CA VAL A 184 -12.91 13.23 -5.60
C VAL A 184 -11.70 12.34 -5.38
N MET A 185 -11.87 11.05 -5.60
CA MET A 185 -10.73 10.13 -5.59
C MET A 185 -10.87 9.15 -6.75
N VAL A 186 -9.76 8.86 -7.40
CA VAL A 186 -9.67 7.71 -8.33
C VAL A 186 -9.12 6.53 -7.54
N ALA A 187 -9.86 5.45 -7.46
CA ALA A 187 -9.39 4.33 -6.62
C ALA A 187 -9.68 3.01 -7.29
N GLY A 188 -8.87 2.03 -6.94
CA GLY A 188 -9.00 0.68 -7.49
C GLY A 188 -7.65 0.00 -7.43
N GLY A 189 -7.40 -0.85 -8.41
CA GLY A 189 -6.27 -1.77 -8.38
C GLY A 189 -5.93 -2.21 -9.77
N SER A 190 -4.70 -2.65 -9.94
CA SER A 190 -4.22 -3.27 -11.18
C SER A 190 -3.27 -4.39 -10.84
N GLU A 191 -3.18 -5.34 -11.75
CA GLU A 191 -2.31 -6.51 -11.54
C GLU A 191 -1.92 -7.10 -12.89
N MET A 192 -0.66 -7.48 -13.00
CA MET A 192 -0.14 -8.33 -14.10
C MET A 192 0.94 -9.22 -13.50
N ALA A 193 0.50 -10.30 -12.89
CA ALA A 193 1.37 -11.29 -12.22
C ALA A 193 1.48 -12.58 -13.06
N ALA A 194 0.89 -12.63 -14.27
CA ALA A 194 0.99 -13.82 -15.17
C ALA A 194 2.34 -13.80 -15.88
N CYS A 195 3.41 -13.93 -15.11
CA CYS A 195 4.80 -14.14 -15.56
C CYS A 195 5.33 -15.38 -14.84
N GLY A 196 6.60 -15.71 -15.06
CA GLY A 196 7.19 -16.92 -14.49
C GLY A 196 7.08 -16.93 -12.99
N LEU A 197 7.37 -15.81 -12.34
CA LEU A 197 7.43 -15.74 -10.85
C LEU A 197 6.02 -15.81 -10.29
N GLY A 198 5.03 -15.30 -11.01
CA GLY A 198 3.60 -15.37 -10.65
C GLY A 198 3.04 -16.79 -10.76
N LEU A 199 3.02 -17.36 -11.96
CA LEU A 199 2.59 -18.77 -12.20
C LEU A 199 3.50 -19.72 -11.42
N GLY A 200 4.81 -19.47 -11.40
CA GLY A 200 5.79 -20.23 -10.60
C GLY A 200 5.51 -20.16 -9.10
N GLY A 201 5.34 -18.93 -8.58
CA GLY A 201 5.14 -18.62 -7.15
C GLY A 201 3.88 -19.27 -6.61
N PHE A 202 2.75 -18.97 -7.21
CA PHE A 202 1.46 -19.54 -6.73
C PHE A 202 1.42 -21.03 -6.98
N GLY A 203 1.99 -21.45 -8.11
CA GLY A 203 2.15 -22.88 -8.46
C GLY A 203 2.98 -23.65 -7.47
N ALA A 204 4.08 -23.09 -6.96
CA ALA A 204 4.93 -23.71 -5.91
C ALA A 204 4.09 -23.92 -4.65
N ALA A 205 3.10 -23.05 -4.40
CA ALA A 205 2.25 -23.09 -3.19
C ALA A 205 1.04 -23.99 -3.44
N ARG A 206 0.94 -24.59 -4.62
CA ARG A 206 -0.15 -25.50 -5.04
C ARG A 206 -1.47 -24.73 -4.95
N ALA A 207 -1.45 -23.42 -5.14
CA ALA A 207 -2.61 -22.54 -4.96
C ALA A 207 -3.45 -22.54 -6.23
N LEU A 208 -2.90 -22.93 -7.39
CA LEU A 208 -3.55 -22.72 -8.70
C LEU A 208 -4.28 -23.98 -9.12
N SER A 209 -5.39 -23.83 -9.80
CA SER A 209 -5.96 -24.91 -10.64
C SER A 209 -4.92 -25.39 -11.66
N THR A 210 -4.82 -26.72 -11.85
CA THR A 210 -3.92 -27.35 -12.84
C THR A 210 -4.75 -28.00 -13.95
N ARG A 211 -5.97 -27.52 -14.19
CA ARG A 211 -6.89 -28.07 -15.21
C ARG A 211 -6.51 -27.56 -16.60
N ASN A 212 -5.29 -27.85 -17.05
CA ASN A 212 -4.71 -27.35 -18.31
C ASN A 212 -5.52 -27.82 -19.52
N ASP A 213 -6.25 -28.92 -19.40
CA ASP A 213 -7.02 -29.52 -20.52
C ASP A 213 -8.29 -28.72 -20.81
N GLU A 214 -8.87 -28.04 -19.81
CA GLU A 214 -10.14 -27.26 -19.95
C GLU A 214 -10.01 -25.95 -19.18
N PRO A 215 -9.19 -24.98 -19.66
CA PRO A 215 -8.96 -23.73 -18.91
C PRO A 215 -10.23 -22.96 -18.54
N THR A 216 -11.25 -22.97 -19.41
CA THR A 216 -12.50 -22.20 -19.21
C THR A 216 -13.38 -22.81 -18.12
N ARG A 217 -13.12 -24.07 -17.74
CA ARG A 217 -13.88 -24.77 -16.68
C ARG A 217 -13.06 -24.87 -15.39
N ALA A 218 -11.86 -24.29 -15.33
CA ALA A 218 -10.95 -24.43 -14.18
C ALA A 218 -11.47 -23.65 -12.97
N SER A 219 -11.92 -22.41 -13.20
CA SER A 219 -12.49 -21.52 -12.16
C SER A 219 -13.95 -21.92 -11.93
N ARG A 220 -14.21 -22.65 -10.83
CA ARG A 220 -15.54 -23.25 -10.56
C ARG A 220 -15.80 -23.08 -9.06
N PRO A 221 -16.00 -21.82 -8.61
CA PRO A 221 -16.28 -21.56 -7.19
C PRO A 221 -17.48 -22.38 -6.67
N TRP A 222 -17.25 -23.09 -5.57
CA TRP A 222 -18.23 -23.85 -4.76
C TRP A 222 -18.56 -25.20 -5.40
N ASP A 223 -17.93 -25.51 -6.53
CA ASP A 223 -18.09 -26.80 -7.23
C ASP A 223 -17.19 -27.83 -6.54
N ARG A 224 -17.71 -29.05 -6.37
CA ARG A 224 -17.02 -30.16 -5.67
C ARG A 224 -15.67 -30.47 -6.34
N ASP A 225 -15.48 -30.14 -7.62
CA ASP A 225 -14.27 -30.51 -8.42
C ASP A 225 -13.30 -29.33 -8.54
N ARG A 226 -13.49 -28.29 -7.75
CA ARG A 226 -12.61 -27.10 -7.78
C ARG A 226 -11.23 -27.53 -7.28
N ASP A 227 -10.16 -26.87 -7.74
CA ASP A 227 -8.78 -27.30 -7.37
C ASP A 227 -7.86 -26.08 -7.31
N GLY A 228 -8.32 -24.90 -6.90
CA GLY A 228 -7.41 -23.73 -6.80
C GLY A 228 -7.82 -22.63 -7.76
N PHE A 229 -7.29 -21.44 -7.54
CA PHE A 229 -7.73 -20.24 -8.32
C PHE A 229 -7.00 -20.20 -9.65
N VAL A 230 -7.50 -19.32 -10.53
CA VAL A 230 -6.98 -19.06 -11.89
C VAL A 230 -6.42 -17.66 -11.87
N LEU A 231 -5.16 -17.52 -12.24
CA LEU A 231 -4.41 -16.25 -12.16
C LEU A 231 -4.83 -15.36 -13.33
N SER A 232 -5.17 -14.10 -13.08
CA SER A 232 -5.69 -13.22 -14.15
C SER A 232 -5.06 -11.86 -13.98
N ASP A 233 -5.09 -11.08 -15.05
CA ASP A 233 -4.49 -9.72 -15.10
C ASP A 233 -5.61 -8.71 -15.37
N GLY A 234 -5.34 -7.45 -15.09
CA GLY A 234 -6.28 -6.39 -15.45
C GLY A 234 -6.31 -5.29 -14.41
N SER A 235 -7.35 -4.49 -14.48
CA SER A 235 -7.42 -3.30 -13.62
C SER A 235 -8.85 -2.81 -13.51
N GLY A 236 -9.16 -2.18 -12.37
CA GLY A 236 -10.41 -1.48 -12.13
C GLY A 236 -10.14 -0.12 -11.51
N ALA A 237 -10.82 0.89 -11.97
CA ALA A 237 -10.76 2.21 -11.34
C ALA A 237 -12.18 2.74 -11.21
N LEU A 238 -12.48 3.35 -10.05
CA LEU A 238 -13.73 4.10 -9.85
C LEU A 238 -13.39 5.54 -9.53
N VAL A 239 -14.17 6.45 -10.09
CA VAL A 239 -14.19 7.84 -9.59
C VAL A 239 -15.21 7.89 -8.47
N LEU A 240 -14.70 8.06 -7.25
CA LEU A 240 -15.50 8.34 -6.04
C LEU A 240 -15.62 9.85 -5.93
N GLU A 241 -16.83 10.29 -5.60
CA GLU A 241 -17.15 11.73 -5.52
C GLU A 241 -18.11 12.00 -4.37
N GLU A 242 -17.82 13.06 -3.64
CA GLU A 242 -18.74 13.64 -2.65
C GLU A 242 -20.06 13.96 -3.36
N LEU A 243 -21.16 13.59 -2.74
CA LEU A 243 -22.48 13.64 -3.41
C LEU A 243 -22.80 15.07 -3.87
N GLU A 244 -22.66 16.05 -3.00
CA GLU A 244 -23.04 17.46 -3.34
C GLU A 244 -22.17 17.97 -4.50
N HIS A 245 -20.93 17.54 -4.57
CA HIS A 245 -20.00 17.88 -5.68
C HIS A 245 -20.53 17.25 -6.97
N ALA A 246 -20.93 15.97 -6.93
CA ALA A 246 -21.45 15.25 -8.12
C ALA A 246 -22.72 15.96 -8.63
N ARG A 247 -23.64 16.29 -7.73
CA ARG A 247 -24.96 16.85 -8.08
C ARG A 247 -24.75 18.24 -8.66
N ALA A 248 -23.83 19.01 -8.09
CA ALA A 248 -23.58 20.41 -8.47
C ALA A 248 -23.12 20.50 -9.93
N ARG A 249 -22.33 19.55 -10.42
CA ARG A 249 -21.87 19.54 -11.83
C ARG A 249 -22.77 18.67 -12.71
N GLY A 250 -23.86 18.14 -12.21
CA GLY A 250 -24.75 17.25 -13.00
C GLY A 250 -24.09 15.91 -13.36
N ALA A 251 -23.29 15.34 -12.47
CA ALA A 251 -22.63 14.05 -12.74
C ALA A 251 -23.70 12.98 -12.91
N ARG A 252 -23.45 12.00 -13.75
CA ARG A 252 -24.23 10.75 -13.77
C ARG A 252 -23.71 9.89 -12.61
N ILE A 253 -24.62 9.46 -11.75
CA ILE A 253 -24.27 8.71 -10.53
C ILE A 253 -24.68 7.25 -10.74
N TYR A 254 -23.73 6.32 -10.64
CA TYR A 254 -24.08 4.89 -10.86
C TYR A 254 -24.72 4.30 -9.60
N ALA A 255 -24.21 4.65 -8.43
CA ALA A 255 -24.59 4.06 -7.12
C ALA A 255 -23.90 4.86 -6.03
N GLU A 256 -24.33 4.60 -4.82
CA GLU A 256 -23.74 5.19 -3.61
C GLU A 256 -22.92 4.09 -2.93
N LEU A 257 -21.76 4.49 -2.45
CA LEU A 257 -20.91 3.62 -1.60
C LEU A 257 -21.22 3.96 -0.15
N VAL A 258 -22.01 3.13 0.54
CA VAL A 258 -22.60 3.47 1.86
C VAL A 258 -21.84 2.74 2.95
N GLY A 259 -21.11 1.67 2.66
CA GLY A 259 -20.42 0.92 3.71
C GLY A 259 -19.07 0.39 3.29
N PHE A 260 -18.16 0.38 4.26
CA PHE A 260 -16.82 -0.22 4.14
C PHE A 260 -16.46 -0.84 5.50
N GLY A 261 -16.03 -2.08 5.40
CA GLY A 261 -15.54 -2.90 6.50
C GLY A 261 -14.15 -3.42 6.19
N MET A 262 -13.35 -3.52 7.23
CA MET A 262 -12.04 -4.20 7.25
C MET A 262 -12.01 -5.09 8.49
N SER A 263 -11.23 -6.14 8.41
CA SER A 263 -10.91 -7.01 9.55
C SER A 263 -9.67 -7.83 9.18
N GLY A 264 -9.06 -8.43 10.19
CA GLY A 264 -8.07 -9.49 10.05
C GLY A 264 -8.59 -10.74 10.70
N ASP A 265 -8.38 -11.87 10.06
CA ASP A 265 -8.63 -13.22 10.62
C ASP A 265 -7.72 -13.43 11.83
N ALA A 266 -6.47 -12.95 11.77
CA ALA A 266 -5.41 -13.30 12.74
C ALA A 266 -5.35 -14.84 12.94
N PHE A 267 -5.35 -15.58 11.86
CA PHE A 267 -5.45 -17.05 11.89
C PHE A 267 -4.26 -17.66 11.13
N HIS A 268 -4.30 -17.71 9.80
CA HIS A 268 -3.30 -18.39 8.95
C HIS A 268 -2.86 -17.47 7.81
N MET A 269 -1.73 -17.73 7.17
CA MET A 269 -1.20 -16.85 6.09
C MET A 269 -1.99 -17.03 4.79
N THR A 270 -2.50 -18.22 4.48
CA THR A 270 -3.05 -18.52 3.12
C THR A 270 -4.38 -19.27 3.18
N ALA A 271 -4.91 -19.54 4.36
CA ALA A 271 -6.16 -20.32 4.52
C ALA A 271 -7.01 -19.63 5.57
N PRO A 272 -8.34 -19.50 5.38
CA PRO A 272 -9.20 -18.86 6.36
C PRO A 272 -9.55 -19.76 7.53
N PRO A 273 -10.06 -19.25 8.66
CA PRO A 273 -10.69 -20.10 9.65
C PRO A 273 -11.88 -20.80 8.96
N GLU A 274 -12.19 -22.05 9.30
CA GLU A 274 -13.21 -22.80 8.51
C GLU A 274 -14.60 -22.19 8.72
N ASP A 275 -14.81 -21.41 9.79
CA ASP A 275 -16.11 -20.73 10.05
C ASP A 275 -16.12 -19.34 9.37
N GLY A 276 -15.04 -18.92 8.72
CA GLY A 276 -14.96 -17.60 8.06
C GLY A 276 -15.22 -16.46 9.04
N ALA A 277 -14.80 -16.58 10.29
CA ALA A 277 -15.17 -15.60 11.34
C ALA A 277 -14.65 -14.20 10.94
N GLY A 278 -13.46 -14.08 10.39
CA GLY A 278 -12.93 -12.74 10.03
C GLY A 278 -13.78 -12.11 8.94
N ALA A 279 -14.19 -12.89 7.96
CA ALA A 279 -15.05 -12.41 6.86
C ALA A 279 -16.43 -12.01 7.43
N ALA A 280 -16.95 -12.76 8.40
CA ALA A 280 -18.23 -12.44 9.08
C ALA A 280 -18.10 -11.09 9.79
N ARG A 281 -17.00 -10.88 10.52
CA ARG A 281 -16.76 -9.61 11.24
C ARG A 281 -16.69 -8.46 10.25
N CYS A 282 -15.99 -8.67 9.14
CA CYS A 282 -15.75 -7.66 8.12
C CYS A 282 -17.10 -7.24 7.52
N MET A 283 -17.94 -8.21 7.20
CA MET A 283 -19.26 -7.90 6.57
C MET A 283 -20.14 -7.15 7.58
N LYS A 284 -20.17 -7.58 8.85
CA LYS A 284 -20.96 -6.90 9.91
CA LYS A 284 -20.94 -6.89 9.92
C LYS A 284 -20.44 -5.45 10.04
N ASN A 285 -19.12 -5.26 10.02
CA ASN A 285 -18.49 -3.92 10.12
C ASN A 285 -18.98 -3.05 8.97
N ALA A 286 -19.06 -3.58 7.75
CA ALA A 286 -19.47 -2.78 6.58
C ALA A 286 -20.97 -2.46 6.68
N LEU A 287 -21.78 -3.40 7.16
CA LEU A 287 -23.24 -3.17 7.31
C LEU A 287 -23.48 -2.18 8.45
N ARG A 288 -22.74 -2.30 9.55
CA ARG A 288 -22.90 -1.31 10.65
C ARG A 288 -22.48 0.06 10.12
N ASP A 289 -21.42 0.09 9.31
CA ASP A 289 -20.90 1.34 8.72
C ASP A 289 -21.98 1.97 7.85
N ALA A 290 -22.78 1.19 7.15
CA ALA A 290 -23.83 1.68 6.24
C ALA A 290 -25.16 1.98 6.97
N GLY A 291 -25.25 1.63 8.25
CA GLY A 291 -26.51 1.62 9.02
C GLY A 291 -27.55 0.67 8.42
N LEU A 292 -27.13 -0.47 7.87
CA LEU A 292 -28.05 -1.43 7.24
C LEU A 292 -28.23 -2.67 8.13
N ASP A 293 -29.42 -3.25 8.07
CA ASP A 293 -29.72 -4.60 8.60
C ASP A 293 -29.24 -5.60 7.56
N PRO A 294 -28.62 -6.71 7.98
CA PRO A 294 -28.29 -7.79 7.05
C PRO A 294 -29.40 -8.13 6.04
N ARG A 295 -30.66 -8.03 6.46
CA ARG A 295 -31.86 -8.36 5.64
C ARG A 295 -31.97 -7.45 4.41
N GLN A 296 -31.28 -6.31 4.40
CA GLN A 296 -31.39 -5.33 3.28
C GLN A 296 -30.45 -5.73 2.15
N VAL A 297 -29.53 -6.69 2.37
CA VAL A 297 -28.57 -7.08 1.29
C VAL A 297 -29.27 -8.03 0.30
N ASP A 298 -29.23 -7.70 -0.97
CA ASP A 298 -29.87 -8.54 -2.03
C ASP A 298 -28.82 -9.34 -2.81
N TYR A 299 -27.63 -8.79 -3.00
CA TYR A 299 -26.62 -9.41 -3.88
C TYR A 299 -25.25 -9.30 -3.20
N ILE A 300 -24.54 -10.42 -3.13
CA ILE A 300 -23.11 -10.45 -2.73
C ILE A 300 -22.26 -10.89 -3.94
N ASN A 301 -21.30 -10.04 -4.32
CA ASN A 301 -20.21 -10.45 -5.21
C ASN A 301 -19.14 -11.05 -4.29
N ALA A 302 -19.06 -12.37 -4.27
CA ALA A 302 -18.20 -13.13 -3.37
C ALA A 302 -16.75 -12.92 -3.75
N HIS A 303 -15.88 -13.23 -2.80
CA HIS A 303 -14.45 -13.40 -3.11
C HIS A 303 -14.36 -14.64 -4.01
N GLY A 304 -14.92 -15.77 -3.55
CA GLY A 304 -15.20 -16.94 -4.40
C GLY A 304 -14.09 -17.33 -5.38
N THR A 305 -12.91 -17.73 -4.90
CA THR A 305 -11.70 -17.83 -5.76
C THR A 305 -11.57 -19.22 -6.37
N SER A 306 -12.41 -20.19 -6.00
CA SER A 306 -12.32 -21.57 -6.52
C SER A 306 -11.25 -22.36 -5.75
N THR A 307 -11.00 -22.00 -4.50
CA THR A 307 -10.07 -22.76 -3.64
C THR A 307 -10.90 -23.67 -2.74
N PRO A 308 -10.40 -24.89 -2.44
CA PRO A 308 -11.18 -25.80 -1.58
C PRO A 308 -11.58 -25.09 -0.27
N ALA A 309 -10.65 -24.47 0.46
CA ALA A 309 -10.94 -23.91 1.82
C ALA A 309 -11.72 -22.58 1.73
N GLY A 310 -11.32 -21.64 0.88
CA GLY A 310 -11.89 -20.27 0.84
C GLY A 310 -13.39 -20.32 0.51
N ASP A 311 -13.78 -21.10 -0.49
CA ASP A 311 -15.17 -21.04 -1.02
C ASP A 311 -16.11 -21.42 0.13
N ILE A 312 -15.73 -22.45 0.87
CA ILE A 312 -16.61 -23.06 1.89
C ILE A 312 -16.68 -22.15 3.11
N ALA A 313 -15.56 -21.61 3.57
CA ALA A 313 -15.48 -20.62 4.66
C ALA A 313 -16.27 -19.34 4.32
N GLU A 314 -16.29 -18.89 3.08
CA GLU A 314 -17.12 -17.71 2.69
C GLU A 314 -18.61 -18.04 2.82
N ILE A 315 -19.04 -19.24 2.44
CA ILE A 315 -20.45 -19.68 2.69
C ILE A 315 -20.74 -19.58 4.19
N ALA A 316 -19.88 -20.16 5.05
CA ALA A 316 -20.09 -20.18 6.52
C ALA A 316 -20.25 -18.75 7.02
N ALA A 317 -19.41 -17.84 6.51
CA ALA A 317 -19.43 -16.44 6.98
C ALA A 317 -20.78 -15.84 6.61
N VAL A 318 -21.19 -15.99 5.35
CA VAL A 318 -22.47 -15.42 4.86
C VAL A 318 -23.65 -15.99 5.68
N LYS A 319 -23.68 -17.30 5.92
CA LYS A 319 -24.73 -18.00 6.73
C LYS A 319 -24.75 -17.40 8.13
N SER A 320 -23.58 -17.16 8.73
CA SER A 320 -23.43 -16.57 10.08
C SER A 320 -23.94 -15.11 10.08
N VAL A 321 -23.60 -14.31 9.08
CA VAL A 321 -24.00 -12.87 9.10
C VAL A 321 -25.50 -12.74 8.79
N PHE A 322 -26.02 -13.49 7.83
CA PHE A 322 -27.36 -13.22 7.24
C PHE A 322 -28.43 -14.20 7.74
N GLY A 323 -28.03 -15.23 8.51
CA GLY A 323 -28.91 -16.31 8.98
C GLY A 323 -29.88 -16.74 7.89
N GLU A 324 -31.19 -16.66 8.15
CA GLU A 324 -32.26 -17.16 7.23
C GLU A 324 -32.21 -16.37 5.90
N HIS A 325 -31.89 -15.08 5.97
CA HIS A 325 -31.75 -14.19 4.79
C HIS A 325 -30.65 -14.68 3.83
N ALA A 326 -29.70 -15.50 4.30
CA ALA A 326 -28.67 -16.15 3.45
C ALA A 326 -29.33 -16.86 2.27
N HIS A 327 -30.57 -17.31 2.41
CA HIS A 327 -31.28 -18.09 1.38
C HIS A 327 -32.14 -17.19 0.49
N ALA A 328 -32.30 -15.89 0.81
CA ALA A 328 -33.08 -14.92 0.00
C ALA A 328 -32.15 -14.11 -0.93
N LEU A 329 -31.02 -13.64 -0.42
CA LEU A 329 -30.05 -12.85 -1.22
C LEU A 329 -29.49 -13.76 -2.33
N SER A 330 -28.83 -13.18 -3.32
CA SER A 330 -28.10 -13.91 -4.38
C SER A 330 -26.63 -13.63 -4.17
N MET A 331 -25.80 -14.65 -4.30
CA MET A 331 -24.33 -14.50 -4.17
C MET A 331 -23.67 -15.19 -5.35
N SER A 332 -22.75 -14.51 -6.03
CA SER A 332 -22.04 -15.14 -7.15
C SER A 332 -20.57 -14.74 -7.12
N SER A 333 -19.75 -15.58 -7.72
CA SER A 333 -18.34 -15.28 -7.98
C SER A 333 -18.18 -15.01 -9.47
N THR A 334 -17.84 -13.77 -9.79
CA THR A 334 -17.52 -13.41 -11.19
C THR A 334 -16.14 -13.98 -11.53
N LYS A 335 -15.37 -14.44 -10.55
CA LYS A 335 -14.08 -15.11 -10.81
C LYS A 335 -14.31 -16.41 -11.59
N SER A 336 -15.49 -16.99 -11.52
CA SER A 336 -15.87 -18.13 -12.39
C SER A 336 -15.51 -17.78 -13.85
N MET A 337 -15.62 -16.51 -14.24
CA MET A 337 -15.42 -16.06 -15.63
C MET A 337 -14.11 -15.31 -15.78
N THR A 338 -13.72 -14.47 -14.83
CA THR A 338 -12.59 -13.52 -15.01
C THR A 338 -11.30 -14.16 -14.53
N GLY A 339 -11.43 -15.21 -13.72
CA GLY A 339 -10.35 -15.67 -12.85
C GLY A 339 -10.06 -14.62 -11.81
N HIS A 340 -8.94 -14.78 -11.13
CA HIS A 340 -8.58 -14.05 -9.90
C HIS A 340 -7.59 -12.96 -10.28
N LEU A 341 -8.06 -11.72 -10.37
CA LEU A 341 -7.20 -10.55 -10.69
C LEU A 341 -6.39 -10.07 -9.50
N LEU A 342 -6.32 -10.87 -8.43
CA LEU A 342 -5.52 -10.57 -7.21
C LEU A 342 -5.81 -9.14 -6.73
N GLY A 343 -4.84 -8.23 -6.80
CA GLY A 343 -4.99 -6.86 -6.28
C GLY A 343 -6.09 -6.08 -6.99
N ALA A 344 -6.36 -6.44 -8.25
CA ALA A 344 -7.41 -5.81 -9.07
C ALA A 344 -8.77 -6.49 -8.88
N ALA A 345 -8.82 -7.62 -8.17
CA ALA A 345 -10.06 -8.43 -8.05
C ALA A 345 -11.17 -7.58 -7.42
N GLY A 346 -10.87 -6.90 -6.32
CA GLY A 346 -11.89 -6.11 -5.61
C GLY A 346 -12.31 -4.87 -6.38
N ALA A 347 -11.42 -4.32 -7.24
CA ALA A 347 -11.72 -3.14 -8.07
C ALA A 347 -12.69 -3.58 -9.17
N VAL A 348 -12.39 -4.65 -9.91
CA VAL A 348 -13.31 -5.04 -11.01
C VAL A 348 -14.62 -5.53 -10.39
N GLU A 349 -14.58 -6.17 -9.22
CA GLU A 349 -15.80 -6.78 -8.60
C GLU A 349 -16.66 -5.70 -7.93
N ALA A 350 -16.07 -4.60 -7.49
CA ALA A 350 -16.83 -3.40 -7.09
C ALA A 350 -17.59 -2.87 -8.30
N ILE A 351 -16.92 -2.74 -9.45
CA ILE A 351 -17.59 -2.28 -10.71
C ILE A 351 -18.73 -3.26 -11.02
N PHE A 352 -18.49 -4.57 -10.96
CA PHE A 352 -19.55 -5.56 -11.29
C PHE A 352 -20.71 -5.44 -10.30
N SER A 353 -20.42 -5.11 -9.04
CA SER A 353 -21.46 -4.92 -8.00
C SER A 353 -22.28 -3.67 -8.33
N VAL A 354 -21.63 -2.58 -8.73
CA VAL A 354 -22.31 -1.32 -9.16
C VAL A 354 -23.17 -1.60 -10.40
N LEU A 355 -22.68 -2.36 -11.36
CA LEU A 355 -23.47 -2.63 -12.59
C LEU A 355 -24.59 -3.62 -12.30
N ALA A 356 -24.43 -4.51 -11.33
CA ALA A 356 -25.53 -5.36 -10.82
C ALA A 356 -26.64 -4.45 -10.26
N LEU A 357 -26.29 -3.36 -9.60
CA LEU A 357 -27.31 -2.43 -9.10
C LEU A 357 -27.94 -1.68 -10.27
N ARG A 358 -27.10 -1.13 -11.16
CA ARG A 358 -27.60 -0.34 -12.30
C ARG A 358 -28.58 -1.20 -13.10
N ASP A 359 -28.25 -2.46 -13.39
CA ASP A 359 -28.98 -3.26 -14.39
C ASP A 359 -29.94 -4.23 -13.74
N GLN A 360 -29.88 -4.38 -12.41
CA GLN A 360 -30.83 -5.20 -11.62
C GLN A 360 -30.70 -6.65 -12.09
N VAL A 361 -29.46 -7.14 -12.10
CA VAL A 361 -29.09 -8.49 -12.60
C VAL A 361 -27.93 -8.98 -11.75
N ALA A 362 -28.07 -10.16 -11.16
CA ALA A 362 -26.98 -10.87 -10.45
C ALA A 362 -26.18 -11.62 -11.51
N PRO A 363 -24.87 -11.36 -11.66
CA PRO A 363 -24.03 -12.10 -12.59
C PRO A 363 -23.93 -13.57 -12.17
N PRO A 364 -23.65 -14.48 -13.11
CA PRO A 364 -23.66 -15.91 -12.77
C PRO A 364 -22.34 -16.34 -12.09
N THR A 365 -22.41 -17.42 -11.32
CA THR A 365 -21.25 -18.30 -11.05
C THR A 365 -21.23 -19.37 -12.13
N ILE A 366 -20.40 -19.25 -13.17
CA ILE A 366 -20.34 -20.29 -14.23
C ILE A 366 -19.56 -21.49 -13.66
N ASN A 367 -19.75 -22.66 -14.26
CA ASN A 367 -19.02 -23.92 -13.93
C ASN A 367 -19.50 -24.49 -12.59
N LEU A 368 -20.57 -23.97 -12.00
CA LEU A 368 -21.11 -24.50 -10.72
C LEU A 368 -22.01 -25.69 -11.06
N ASP A 369 -21.38 -26.80 -11.43
CA ASP A 369 -22.08 -27.98 -12.02
C ASP A 369 -22.56 -28.90 -10.90
N ASN A 370 -21.77 -29.05 -9.85
CA ASN A 370 -22.11 -29.86 -8.64
C ASN A 370 -21.66 -29.11 -7.39
N PRO A 371 -22.56 -28.27 -6.83
CA PRO A 371 -22.25 -27.48 -5.65
C PRO A 371 -21.79 -28.43 -4.56
N ASP A 372 -20.80 -28.04 -3.78
CA ASP A 372 -20.22 -28.90 -2.71
C ASP A 372 -21.16 -28.91 -1.51
N GLU A 373 -20.85 -29.78 -0.54
CA GLU A 373 -21.56 -29.89 0.77
C GLU A 373 -21.71 -28.53 1.45
N GLY A 374 -22.93 -28.15 1.79
CA GLY A 374 -23.28 -26.90 2.47
C GLY A 374 -23.22 -25.69 1.55
N CYS A 375 -22.98 -25.87 0.26
CA CYS A 375 -22.99 -24.77 -0.75
C CYS A 375 -24.40 -24.66 -1.34
N ASP A 376 -25.38 -24.42 -0.48
CA ASP A 376 -26.81 -24.57 -0.82
C ASP A 376 -27.49 -23.20 -0.83
N LEU A 377 -26.76 -22.10 -0.92
CA LEU A 377 -27.34 -20.75 -1.16
C LEU A 377 -27.67 -20.60 -2.66
N ASP A 378 -28.33 -19.50 -2.98
CA ASP A 378 -28.54 -19.07 -4.37
C ASP A 378 -27.19 -18.54 -4.85
N LEU A 379 -26.40 -19.37 -5.56
CA LEU A 379 -25.05 -18.98 -6.07
C LEU A 379 -25.15 -18.59 -7.55
N VAL A 380 -26.37 -18.35 -8.04
CA VAL A 380 -26.60 -17.91 -9.45
C VAL A 380 -25.79 -18.81 -10.40
N ALA A 381 -25.97 -20.12 -10.29
CA ALA A 381 -25.25 -21.11 -11.13
C ALA A 381 -25.58 -20.87 -12.61
N HIS A 382 -24.56 -20.78 -13.45
CA HIS A 382 -24.60 -20.94 -14.93
C HIS A 382 -25.07 -19.69 -15.66
N GLU A 383 -26.15 -19.03 -15.19
CA GLU A 383 -26.85 -17.98 -15.97
C GLU A 383 -27.17 -16.78 -15.08
N ALA A 384 -26.99 -15.58 -15.64
CA ALA A 384 -27.31 -14.29 -14.99
C ALA A 384 -28.75 -14.34 -14.51
N LYS A 385 -29.04 -13.80 -13.35
CA LYS A 385 -30.42 -13.82 -12.82
C LYS A 385 -30.87 -12.37 -12.63
N PRO A 386 -31.81 -11.88 -13.46
CA PRO A 386 -32.51 -10.64 -13.18
C PRO A 386 -33.23 -10.74 -11.83
N ARG A 387 -33.09 -9.76 -10.98
CA ARG A 387 -33.74 -9.74 -9.65
C ARG A 387 -33.64 -8.32 -9.12
N LYS A 388 -34.44 -7.99 -8.09
CA LYS A 388 -34.37 -6.72 -7.33
C LYS A 388 -33.01 -6.70 -6.62
N ILE A 389 -32.28 -5.61 -6.74
CA ILE A 389 -31.02 -5.41 -6.00
C ILE A 389 -31.01 -3.97 -5.55
N ASP A 390 -31.25 -3.72 -4.28
CA ASP A 390 -31.16 -2.36 -3.70
C ASP A 390 -29.78 -2.21 -3.06
N VAL A 391 -29.25 -3.31 -2.52
CA VAL A 391 -27.97 -3.31 -1.78
C VAL A 391 -27.10 -4.45 -2.31
N ALA A 392 -25.89 -4.09 -2.74
CA ALA A 392 -24.88 -5.08 -3.17
C ALA A 392 -23.67 -4.99 -2.24
N LEU A 393 -23.15 -6.14 -1.87
CA LEU A 393 -21.93 -6.28 -1.03
CA LEU A 393 -21.94 -6.23 -1.03
C LEU A 393 -20.85 -6.90 -1.88
N SER A 394 -19.60 -6.43 -1.77
CA SER A 394 -18.47 -7.05 -2.48
C SER A 394 -17.41 -7.41 -1.44
N ASN A 395 -17.02 -8.68 -1.37
CA ASN A 395 -16.00 -9.17 -0.40
C ASN A 395 -14.67 -9.42 -1.09
N SER A 396 -13.58 -9.10 -0.40
CA SER A 396 -12.21 -9.48 -0.79
C SER A 396 -11.46 -9.92 0.48
N PHE A 397 -10.82 -11.08 0.36
CA PHE A 397 -9.98 -11.73 1.38
C PHE A 397 -8.61 -11.98 0.77
N GLY A 398 -7.54 -11.82 1.55
CA GLY A 398 -6.18 -11.93 1.00
C GLY A 398 -5.21 -12.53 1.97
N PHE A 399 -4.08 -12.91 1.44
CA PHE A 399 -2.93 -13.42 2.25
C PHE A 399 -2.82 -12.59 3.53
N GLY A 400 -2.58 -13.29 4.64
CA GLY A 400 -2.46 -12.68 5.98
C GLY A 400 -3.80 -12.61 6.64
N GLY A 401 -4.86 -13.09 5.98
CA GLY A 401 -6.25 -13.01 6.47
C GLY A 401 -6.78 -11.58 6.54
N THR A 402 -6.37 -10.74 5.60
CA THR A 402 -6.82 -9.33 5.53
C THR A 402 -8.10 -9.31 4.68
N ASN A 403 -9.14 -8.70 5.23
CA ASN A 403 -10.51 -8.80 4.69
C ASN A 403 -11.00 -7.37 4.44
N GLY A 404 -11.78 -7.21 3.38
CA GLY A 404 -12.47 -5.95 3.07
C GLY A 404 -13.84 -6.26 2.49
N THR A 405 -14.81 -5.43 2.85
CA THR A 405 -16.19 -5.49 2.32
C THR A 405 -16.58 -4.06 1.92
N LEU A 406 -17.19 -3.96 0.76
CA LEU A 406 -17.79 -2.70 0.31
C LEU A 406 -19.29 -2.94 0.19
N VAL A 407 -20.06 -1.94 0.55
CA VAL A 407 -21.54 -2.01 0.43
C VAL A 407 -21.97 -0.85 -0.44
N PHE A 408 -22.65 -1.16 -1.52
CA PHE A 408 -23.16 -0.18 -2.50
C PHE A 408 -24.67 -0.23 -2.46
N ARG A 409 -25.26 0.93 -2.68
CA ARG A 409 -26.77 0.98 -2.70
CA ARG A 409 -26.74 1.01 -2.72
C ARG A 409 -27.24 1.86 -3.91
N ARG A 410 -28.35 1.41 -4.47
CA ARG A 410 -29.02 2.18 -5.54
CA ARG A 410 -29.03 2.17 -5.56
C ARG A 410 -29.16 3.63 -5.11
N PHE A 411 -28.89 4.55 -6.03
CA PHE A 411 -29.04 6.00 -5.83
C PHE A 411 -30.15 6.55 -6.74
N ALA A 412 -31.22 7.11 -6.17
CA ALA A 412 -32.38 7.70 -6.90
C ALA A 412 -32.43 9.21 -6.65
N SER B 1 -16.57 13.53 17.67
CA SER B 1 -16.01 13.51 16.29
C SER B 1 -14.59 12.92 16.27
N ARG B 2 -13.64 13.53 15.55
CA ARG B 2 -12.24 13.04 15.55
C ARG B 2 -11.87 12.80 17.01
N ARG B 3 -11.26 11.66 17.29
CA ARG B 3 -10.56 11.43 18.58
C ARG B 3 -9.10 11.86 18.43
N ARG B 4 -8.48 12.18 19.54
CA ARG B 4 -7.03 12.43 19.58
C ARG B 4 -6.27 11.12 19.60
N VAL B 5 -5.03 11.16 19.11
CA VAL B 5 -4.16 9.98 18.88
C VAL B 5 -2.81 10.28 19.50
N VAL B 6 -2.32 9.33 20.28
CA VAL B 6 -1.03 9.47 21.00
C VAL B 6 -0.18 8.24 20.67
N ILE B 7 1.12 8.38 20.92
CA ILE B 7 2.16 7.36 20.66
C ILE B 7 2.51 6.71 21.99
N THR B 8 2.28 5.42 22.14
CA THR B 8 2.47 4.72 23.43
C THR B 8 3.55 3.66 23.34
N GLY B 9 4.06 3.40 22.14
CA GLY B 9 5.13 2.42 21.97
C GLY B 9 5.88 2.68 20.69
N MET B 10 7.18 2.40 20.69
CA MET B 10 8.03 2.55 19.49
C MET B 10 9.01 1.39 19.40
N GLY B 11 9.37 1.03 18.17
CA GLY B 11 10.32 -0.06 17.91
C GLY B 11 11.05 0.18 16.63
N MET B 12 12.29 -0.25 16.53
CA MET B 12 13.19 0.15 15.43
C MET B 12 14.28 -0.87 15.19
N LEU B 13 14.61 -1.06 13.93
CA LEU B 13 15.93 -1.55 13.46
C LEU B 13 16.50 -0.47 12.54
N SER B 14 17.72 -0.07 12.77
CA SER B 14 18.39 0.91 11.90
C SER B 14 19.85 0.56 11.75
N PRO B 15 20.54 1.22 10.80
CA PRO B 15 21.99 1.13 10.71
C PRO B 15 22.71 1.65 11.98
N LEU B 16 21.98 2.28 12.90
CA LEU B 16 22.57 2.79 14.15
C LEU B 16 22.29 1.87 15.35
N GLY B 17 21.33 0.93 15.24
CA GLY B 17 21.01 0.10 16.40
C GLY B 17 19.90 -0.90 16.15
N LEU B 18 19.83 -1.91 17.01
CA LEU B 18 18.82 -3.00 16.90
C LEU B 18 17.58 -2.69 17.73
N ASP B 19 17.51 -1.47 18.30
CA ASP B 19 16.28 -0.98 18.98
C ASP B 19 16.28 0.56 18.95
N VAL B 20 15.27 1.16 19.54
CA VAL B 20 15.09 2.65 19.56
C VAL B 20 16.17 3.29 20.43
N PRO B 21 16.34 2.89 21.72
N PRO B 21 16.33 2.89 21.71
CA PRO B 21 17.35 3.55 22.56
CA PRO B 21 17.35 3.53 22.56
C PRO B 21 18.76 3.51 21.94
C PRO B 21 18.75 3.51 21.94
N SER B 22 19.19 2.38 21.39
CA SER B 22 20.53 2.25 20.76
C SER B 22 20.61 3.17 19.52
N SER B 23 19.55 3.21 18.71
CA SER B 23 19.49 4.01 17.46
C SER B 23 19.54 5.49 17.84
N TRP B 24 18.73 5.90 18.81
CA TRP B 24 18.60 7.30 19.30
C TRP B 24 19.93 7.80 19.89
N GLU B 25 20.61 6.96 20.67
CA GLU B 25 21.99 7.23 21.16
C GLU B 25 22.91 7.56 19.99
N GLY B 26 22.88 6.75 18.94
CA GLY B 26 23.71 6.99 17.76
C GLY B 26 23.35 8.33 17.14
N ILE B 27 22.05 8.59 16.97
CA ILE B 27 21.57 9.87 16.39
C ILE B 27 22.16 11.04 17.19
N LEU B 28 21.99 11.05 18.51
CA LEU B 28 22.45 12.21 19.31
C LEU B 28 23.98 12.28 19.33
N ALA B 29 24.68 11.16 19.12
CA ALA B 29 26.16 11.15 19.11
C ALA B 29 26.69 11.60 17.75
N GLY B 30 25.86 11.76 16.74
CA GLY B 30 26.36 12.11 15.40
C GLY B 30 27.05 10.91 14.76
N ARG B 31 26.63 9.70 15.12
CA ARG B 31 27.29 8.49 14.58
C ARG B 31 26.75 8.09 13.20
N SER B 32 27.63 7.85 12.23
CA SER B 32 27.25 7.23 10.93
C SER B 32 27.00 5.74 11.12
N GLY B 33 25.95 5.23 10.50
CA GLY B 33 25.70 3.79 10.40
C GLY B 33 26.03 3.30 9.00
N ILE B 34 26.80 4.07 8.23
CA ILE B 34 27.07 3.76 6.80
C ILE B 34 28.45 3.09 6.68
N ALA B 35 28.52 2.03 5.90
CA ALA B 35 29.74 1.18 5.75
C ALA B 35 29.71 0.43 4.44
N PRO B 36 30.91 0.01 3.96
CA PRO B 36 30.99 -0.88 2.82
C PRO B 36 30.05 -2.07 3.10
N ILE B 37 29.30 -2.46 2.09
CA ILE B 37 28.37 -3.61 2.19
C ILE B 37 29.19 -4.91 2.20
N GLU B 38 28.85 -5.81 3.11
CA GLU B 38 29.58 -7.06 3.42
C GLU B 38 28.83 -8.28 2.87
N HIS B 39 27.51 -8.22 2.72
CA HIS B 39 26.69 -9.44 2.48
C HIS B 39 26.73 -9.88 0.99
N MET B 40 27.47 -9.20 0.10
CA MET B 40 27.46 -9.49 -1.36
C MET B 40 28.62 -8.78 -2.10
N ASP B 41 29.03 -9.30 -3.26
CA ASP B 41 30.17 -8.76 -4.05
C ASP B 41 29.71 -7.62 -4.98
N LEU B 42 30.11 -6.37 -4.67
CA LEU B 42 29.56 -5.18 -5.37
C LEU B 42 30.60 -4.57 -6.33
N SER B 43 31.63 -5.32 -6.72
CA SER B 43 32.76 -4.76 -7.51
C SER B 43 32.28 -4.21 -8.88
N ALA B 44 31.19 -4.72 -9.45
CA ALA B 44 30.60 -4.25 -10.72
C ALA B 44 29.68 -3.03 -10.49
N TYR B 45 29.45 -2.59 -9.24
CA TYR B 45 28.47 -1.52 -8.89
C TYR B 45 29.22 -0.21 -8.66
N SER B 46 28.59 0.91 -9.04
CA SER B 46 29.21 2.26 -8.85
C SER B 46 29.07 2.68 -7.38
N THR B 47 28.15 2.07 -6.63
CA THR B 47 27.92 2.30 -5.18
C THR B 47 28.08 0.98 -4.41
N ARG B 48 29.00 0.95 -3.46
CA ARG B 48 29.43 -0.31 -2.80
C ARG B 48 29.27 -0.21 -1.28
N PHE B 49 28.50 0.77 -0.80
CA PHE B 49 28.30 1.04 0.64
C PHE B 49 26.84 1.38 0.88
N GLY B 50 26.44 1.38 2.15
CA GLY B 50 25.09 1.74 2.59
C GLY B 50 24.92 1.51 4.08
N GLY B 51 23.68 1.70 4.54
CA GLY B 51 23.27 1.50 5.94
C GLY B 51 22.65 0.13 6.09
N SER B 52 23.46 -0.84 6.52
CA SER B 52 22.99 -2.20 6.86
C SER B 52 22.51 -2.22 8.32
N VAL B 53 21.56 -3.09 8.61
CA VAL B 53 21.25 -3.46 10.00
C VAL B 53 22.30 -4.51 10.41
N LYS B 54 23.23 -4.12 11.27
CA LYS B 54 24.38 -4.97 11.66
C LYS B 54 24.03 -5.82 12.88
N GLY B 55 24.26 -7.13 12.78
CA GLY B 55 24.15 -8.05 13.92
C GLY B 55 22.71 -8.37 14.26
N PHE B 56 21.78 -8.18 13.32
CA PHE B 56 20.36 -8.52 13.50
C PHE B 56 20.25 -10.03 13.68
N ASN B 57 19.57 -10.42 14.76
CA ASN B 57 19.27 -11.82 15.11
C ASN B 57 17.76 -11.98 15.19
N VAL B 58 17.19 -12.43 14.10
CA VAL B 58 15.73 -12.67 13.96
C VAL B 58 15.29 -13.69 15.04
N GLU B 59 16.20 -14.53 15.52
CA GLU B 59 15.87 -15.55 16.55
C GLU B 59 15.71 -14.92 17.92
N GLU B 60 15.91 -13.60 18.07
CA GLU B 60 15.42 -12.84 19.25
C GLU B 60 13.90 -12.69 19.20
N TYR B 61 13.28 -13.03 18.08
CA TYR B 61 11.86 -12.73 17.83
C TYR B 61 11.12 -13.93 17.27
N LEU B 62 11.70 -14.63 16.30
CA LEU B 62 10.97 -15.68 15.55
C LEU B 62 11.84 -16.94 15.51
N SER B 63 11.21 -18.12 15.39
CA SER B 63 11.89 -19.42 15.19
C SER B 63 12.64 -19.36 13.88
N ALA B 64 13.80 -20.00 13.81
CA ALA B 64 14.62 -20.10 12.57
C ALA B 64 13.73 -20.61 11.43
N LYS B 65 12.88 -21.58 11.71
CA LYS B 65 12.00 -22.24 10.71
C LYS B 65 11.10 -21.19 10.04
N GLU B 66 10.47 -20.33 10.82
CA GLU B 66 9.58 -19.28 10.25
C GLU B 66 10.41 -18.22 9.53
N ALA B 67 11.50 -17.75 10.14
CA ALA B 67 12.33 -16.65 9.59
C ALA B 67 12.84 -17.03 8.20
N ARG B 68 13.23 -18.29 8.05
CA ARG B 68 13.77 -18.79 6.77
C ARG B 68 12.83 -18.50 5.59
N LYS B 69 11.52 -18.46 5.84
CA LYS B 69 10.54 -18.26 4.74
C LYS B 69 10.24 -16.76 4.55
N LEU B 70 10.86 -15.86 5.31
CA LEU B 70 10.45 -14.44 5.29
C LEU B 70 11.58 -13.59 4.72
N ASP B 71 11.27 -12.75 3.74
CA ASP B 71 12.21 -11.67 3.32
C ASP B 71 12.66 -10.86 4.54
N LEU B 72 13.88 -10.35 4.47
CA LEU B 72 14.41 -9.48 5.54
C LEU B 72 13.48 -8.30 5.83
N PHE B 73 12.81 -7.70 4.85
CA PHE B 73 11.96 -6.52 5.14
C PHE B 73 10.86 -7.01 6.10
N ILE B 74 10.39 -8.23 5.94
CA ILE B 74 9.30 -8.75 6.81
C ILE B 74 9.91 -8.98 8.20
N GLN B 75 11.07 -9.61 8.26
CA GLN B 75 11.78 -9.87 9.54
C GLN B 75 11.97 -8.55 10.27
N TYR B 76 12.43 -7.52 9.57
CA TYR B 76 12.71 -6.19 10.16
C TYR B 76 11.40 -5.54 10.66
N GLY B 77 10.34 -5.61 9.84
CA GLY B 77 9.03 -5.06 10.19
C GLY B 77 8.47 -5.71 11.44
N LEU B 78 8.49 -7.05 11.50
CA LEU B 78 8.04 -7.87 12.66
C LEU B 78 8.88 -7.46 13.89
N ALA B 79 10.19 -7.38 13.77
CA ALA B 79 11.06 -7.06 14.92
C ALA B 79 10.67 -5.68 15.49
N ALA B 80 10.52 -4.68 14.64
CA ALA B 80 10.19 -3.30 15.06
C ALA B 80 8.81 -3.29 15.72
N SER B 81 7.86 -4.00 15.09
CA SER B 81 6.47 -4.17 15.54
C SER B 81 6.43 -4.81 16.92
N PHE B 82 7.12 -5.93 17.08
CA PHE B 82 7.17 -6.65 18.37
C PHE B 82 7.74 -5.71 19.41
N GLN B 83 8.82 -4.99 19.08
CA GLN B 83 9.39 -4.02 20.03
C GLN B 83 8.34 -2.98 20.43
N ALA B 84 7.64 -2.39 19.46
CA ALA B 84 6.67 -1.28 19.65
C ALA B 84 5.56 -1.80 20.57
N VAL B 85 5.04 -2.99 20.29
CA VAL B 85 3.92 -3.53 21.09
C VAL B 85 4.37 -3.78 22.54
N ARG B 86 5.53 -4.41 22.73
CA ARG B 86 6.05 -4.60 24.10
C ARG B 86 6.23 -3.24 24.77
N ASP B 87 6.90 -2.32 24.09
CA ASP B 87 7.14 -0.95 24.61
C ASP B 87 5.83 -0.30 25.08
N SER B 88 4.72 -0.60 24.44
CA SER B 88 3.42 0.05 24.70
C SER B 88 2.82 -0.49 26.01
N GLY B 89 3.17 -1.71 26.43
CA GLY B 89 2.57 -2.36 27.62
C GLY B 89 1.15 -2.83 27.34
N LEU B 90 0.67 -2.71 26.10
CA LEU B 90 -0.71 -3.08 25.74
C LEU B 90 -0.90 -4.60 25.91
N GLU B 91 -2.03 -5.00 26.46
CA GLU B 91 -2.41 -6.42 26.56
C GLU B 91 -3.49 -6.62 25.54
N VAL B 92 -3.23 -7.47 24.56
CA VAL B 92 -4.23 -7.88 23.55
C VAL B 92 -5.15 -8.91 24.22
N THR B 93 -6.46 -8.66 24.20
CA THR B 93 -7.49 -9.55 24.81
C THR B 93 -8.62 -9.79 23.81
N ASP B 94 -9.50 -10.74 24.15
CA ASP B 94 -10.78 -10.91 23.40
C ASP B 94 -11.58 -9.60 23.42
N ALA B 95 -11.48 -8.79 24.50
CA ALA B 95 -12.22 -7.53 24.69
C ALA B 95 -11.73 -6.45 23.72
N ASN B 96 -10.46 -6.48 23.29
CA ASN B 96 -9.95 -5.38 22.45
C ASN B 96 -9.33 -5.84 21.13
N ARG B 97 -9.17 -7.14 20.88
CA ARG B 97 -8.39 -7.55 19.69
C ARG B 97 -9.05 -7.07 18.37
N GLU B 98 -10.37 -6.93 18.29
CA GLU B 98 -11.03 -6.40 17.07
C GLU B 98 -10.71 -4.91 16.86
N ARG B 99 -10.20 -4.22 17.86
CA ARG B 99 -10.01 -2.75 17.86
C ARG B 99 -8.53 -2.43 17.63
N ILE B 100 -7.70 -3.46 17.45
CA ILE B 100 -6.25 -3.27 17.26
C ILE B 100 -5.88 -3.75 15.87
N GLY B 101 -5.28 -2.86 15.09
CA GLY B 101 -4.91 -3.21 13.71
C GLY B 101 -3.48 -2.85 13.43
N VAL B 102 -3.10 -3.04 12.18
CA VAL B 102 -1.69 -2.83 11.80
C VAL B 102 -1.66 -2.28 10.37
N SER B 103 -0.78 -1.32 10.19
CA SER B 103 -0.44 -0.75 8.88
C SER B 103 1.06 -0.55 8.82
N MET B 104 1.77 -1.62 8.46
CA MET B 104 3.23 -1.59 8.27
C MET B 104 3.46 -1.68 6.76
N GLY B 105 4.09 -0.67 6.20
CA GLY B 105 4.29 -0.59 4.75
C GLY B 105 5.72 -0.82 4.36
N SER B 106 5.93 -0.81 3.05
CA SER B 106 7.27 -0.85 2.43
C SER B 106 7.19 -0.15 1.07
N GLY B 107 8.28 0.45 0.62
CA GLY B 107 8.36 1.07 -0.72
C GLY B 107 8.54 -0.01 -1.78
N ILE B 108 9.37 -1.01 -1.49
CA ILE B 108 9.86 -2.04 -2.45
C ILE B 108 9.50 -3.46 -1.98
N GLY B 109 9.37 -3.71 -0.68
CA GLY B 109 9.09 -5.06 -0.12
C GLY B 109 10.22 -6.05 -0.40
N GLY B 110 9.87 -7.26 -0.82
CA GLY B 110 10.79 -8.42 -0.71
C GLY B 110 11.66 -8.56 -1.94
N LEU B 111 12.40 -7.52 -2.30
CA LEU B 111 13.21 -7.49 -3.57
C LEU B 111 14.32 -8.54 -3.53
N THR B 112 14.96 -8.72 -2.37
CA THR B 112 15.97 -9.79 -2.13
C THR B 112 15.33 -11.17 -2.43
N ASN B 113 14.19 -11.46 -1.81
CA ASN B 113 13.52 -12.76 -1.98
C ASN B 113 13.16 -12.90 -3.47
N ILE B 114 12.71 -11.82 -4.10
CA ILE B 114 12.26 -11.88 -5.52
C ILE B 114 13.51 -12.15 -6.38
N GLU B 115 14.61 -11.51 -6.07
CA GLU B 115 15.85 -11.68 -6.85
C GLU B 115 16.34 -13.13 -6.71
N ASN B 116 16.32 -13.69 -5.49
CA ASN B 116 16.77 -15.08 -5.24
C ASN B 116 15.84 -16.04 -5.99
N ASN B 117 14.53 -15.80 -5.96
CA ASN B 117 13.58 -16.72 -6.63
C ASN B 117 13.78 -16.58 -8.13
N CYS B 118 14.10 -15.38 -8.61
CA CYS B 118 14.38 -15.17 -10.06
C CYS B 118 15.60 -16.02 -10.46
N ARG B 119 16.67 -15.98 -9.66
CA ARG B 119 17.88 -16.81 -9.88
C ARG B 119 17.43 -18.27 -10.06
N SER B 120 16.66 -18.78 -9.12
CA SER B 120 16.15 -20.19 -9.12
C SER B 120 15.39 -20.45 -10.43
N LEU B 121 14.56 -19.50 -10.84
CA LEU B 121 13.67 -19.69 -12.01
C LEU B 121 14.52 -19.75 -13.29
N PHE B 122 15.51 -18.87 -13.42
CA PHE B 122 16.29 -18.67 -14.67
C PHE B 122 17.45 -19.66 -14.73
N GLU B 123 18.04 -20.00 -13.59
CA GLU B 123 19.23 -20.89 -13.55
C GLU B 123 18.79 -22.35 -13.49
N GLN B 124 17.58 -22.66 -13.01
CA GLN B 124 17.19 -24.06 -12.68
C GLN B 124 15.83 -24.33 -13.34
N GLY B 125 14.81 -23.60 -12.93
CA GLY B 125 13.46 -23.69 -13.48
C GLY B 125 12.43 -23.38 -12.41
N PRO B 126 11.15 -23.30 -12.79
CA PRO B 126 10.10 -22.92 -11.85
C PRO B 126 9.87 -23.95 -10.76
N ARG B 127 10.37 -25.18 -10.94
CA ARG B 127 10.23 -26.20 -9.89
C ARG B 127 11.11 -25.84 -8.70
N ARG B 128 12.03 -24.90 -8.83
CA ARG B 128 12.91 -24.49 -7.69
C ARG B 128 12.38 -23.21 -7.02
N ILE B 129 11.29 -22.60 -7.50
CA ILE B 129 10.68 -21.44 -6.79
C ILE B 129 10.14 -21.88 -5.41
N SER B 130 10.37 -21.10 -4.36
CA SER B 130 9.96 -21.45 -3.00
C SER B 130 8.43 -21.47 -2.98
N PRO B 131 7.80 -22.49 -2.36
CA PRO B 131 6.37 -22.39 -2.03
C PRO B 131 6.02 -21.15 -1.18
N PHE B 132 6.99 -20.60 -0.43
CA PHE B 132 6.78 -19.47 0.49
C PHE B 132 7.08 -18.13 -0.22
N PHE B 133 7.43 -18.16 -1.52
CA PHE B 133 7.91 -16.98 -2.28
C PHE B 133 6.91 -15.83 -2.14
N VAL B 134 5.64 -16.10 -2.41
CA VAL B 134 4.64 -15.02 -2.45
C VAL B 134 4.41 -14.48 -1.04
N PRO B 135 3.91 -15.27 -0.05
CA PRO B 135 3.64 -14.75 1.29
C PRO B 135 4.90 -14.29 2.01
N GLY B 136 6.08 -14.78 1.61
CA GLY B 136 7.36 -14.33 2.21
C GLY B 136 7.92 -13.07 1.58
N SER B 137 7.28 -12.50 0.55
CA SER B 137 7.87 -11.39 -0.23
C SER B 137 6.90 -10.22 -0.38
N ILE B 138 5.59 -10.45 -0.36
CA ILE B 138 4.65 -9.34 -0.66
C ILE B 138 4.49 -8.40 0.53
N ILE B 139 4.15 -7.15 0.19
CA ILE B 139 4.32 -6.00 1.12
C ILE B 139 3.36 -6.11 2.32
N ASN B 140 2.17 -6.68 2.14
CA ASN B 140 1.12 -6.64 3.18
C ASN B 140 1.39 -7.67 4.26
N MET B 141 2.51 -8.41 4.19
CA MET B 141 2.67 -9.59 5.05
C MET B 141 3.43 -9.21 6.33
N VAL B 142 3.97 -8.01 6.45
CA VAL B 142 4.32 -7.50 7.81
C VAL B 142 3.02 -7.36 8.60
N SER B 143 1.99 -6.75 8.03
CA SER B 143 0.71 -6.52 8.74
C SER B 143 0.07 -7.90 8.99
N GLY B 144 0.19 -8.79 8.03
CA GLY B 144 -0.48 -10.10 8.04
C GLY B 144 0.13 -10.97 9.13
N PHE B 145 1.45 -11.14 9.11
CA PHE B 145 2.18 -11.99 10.06
C PHE B 145 2.04 -11.37 11.45
N LEU B 146 2.11 -10.04 11.59
CA LEU B 146 2.04 -9.45 12.94
C LEU B 146 0.67 -9.73 13.55
N SER B 147 -0.40 -9.61 12.75
CA SER B 147 -1.76 -9.94 13.19
C SER B 147 -1.84 -11.42 13.64
N ILE B 148 -1.21 -12.33 12.91
CA ILE B 148 -1.25 -13.79 13.22
C ILE B 148 -0.53 -14.04 14.54
N HIS B 149 0.62 -13.40 14.73
CA HIS B 149 1.49 -13.64 15.90
C HIS B 149 0.87 -13.03 17.15
N LEU B 150 0.16 -11.89 17.04
CA LEU B 150 -0.36 -11.20 18.24
C LEU B 150 -1.88 -11.29 18.35
N GLY B 151 -2.59 -11.82 17.36
CA GLY B 151 -4.06 -11.96 17.41
C GLY B 151 -4.77 -10.62 17.20
N LEU B 152 -4.28 -9.76 16.30
CA LEU B 152 -4.84 -8.43 15.99
C LEU B 152 -5.90 -8.58 14.90
N GLN B 153 -7.14 -8.23 15.20
CA GLN B 153 -8.28 -8.51 14.31
C GLN B 153 -8.82 -7.20 13.75
N GLY B 154 -8.15 -6.08 14.05
CA GLY B 154 -8.59 -4.77 13.59
C GLY B 154 -8.15 -4.52 12.15
N PRO B 155 -8.35 -3.29 11.63
CA PRO B 155 -7.90 -2.97 10.28
C PRO B 155 -6.48 -3.43 9.95
N ASN B 156 -6.32 -4.10 8.82
CA ASN B 156 -5.07 -4.80 8.51
C ASN B 156 -4.71 -4.45 7.08
N TYR B 157 -3.69 -3.62 6.91
CA TYR B 157 -3.34 -3.16 5.55
C TYR B 157 -1.91 -2.67 5.50
N ALA B 158 -1.50 -2.33 4.29
CA ALA B 158 -0.13 -1.87 4.00
C ALA B 158 -0.21 -0.77 2.94
N LEU B 159 0.53 0.28 3.21
CA LEU B 159 0.69 1.38 2.25
C LEU B 159 2.01 1.13 1.52
N THR B 160 2.08 1.58 0.29
CA THR B 160 3.33 1.57 -0.49
C THR B 160 3.34 2.87 -1.27
N THR B 161 4.06 3.87 -0.74
CA THR B 161 4.15 5.21 -1.37
C THR B 161 5.63 5.53 -1.44
N ALA B 162 6.43 4.54 -1.81
CA ALA B 162 7.86 4.72 -2.07
C ALA B 162 8.48 5.31 -0.80
N GLN B 163 9.21 6.42 -0.90
CA GLN B 163 10.01 6.96 0.24
C GLN B 163 9.10 7.71 1.21
N THR B 164 7.78 7.76 0.95
CA THR B 164 6.79 8.43 1.82
C THR B 164 6.07 7.39 2.69
N THR B 165 6.27 6.10 2.39
CA THR B 165 5.47 4.99 2.94
C THR B 165 5.35 5.11 4.48
N GLY B 166 6.47 5.29 5.19
CA GLY B 166 6.44 5.26 6.65
C GLY B 166 5.59 6.38 7.21
N THR B 167 5.70 7.55 6.60
CA THR B 167 4.98 8.76 7.03
C THR B 167 3.48 8.53 6.77
N HIS B 168 3.12 8.13 5.57
CA HIS B 168 1.70 7.87 5.24
C HIS B 168 1.10 6.75 6.10
N SER B 169 1.88 5.72 6.39
CA SER B 169 1.40 4.54 7.15
C SER B 169 0.99 5.03 8.54
N ILE B 170 1.83 5.83 9.17
CA ILE B 170 1.53 6.40 10.51
C ILE B 170 0.33 7.36 10.44
N GLY B 171 0.30 8.27 9.46
CA GLY B 171 -0.77 9.26 9.26
C GLY B 171 -2.11 8.60 9.03
N MET B 172 -2.18 7.63 8.13
CA MET B 172 -3.47 6.97 7.83
C MET B 172 -3.94 6.10 9.01
N ALA B 173 -3.03 5.38 9.69
CA ALA B 173 -3.32 4.63 10.91
C ALA B 173 -3.92 5.58 11.95
N ALA B 174 -3.37 6.79 12.08
CA ALA B 174 -3.86 7.81 13.04
C ALA B 174 -5.28 8.20 12.65
N ARG B 175 -5.51 8.37 11.35
CA ARG B 175 -6.87 8.67 10.85
C ARG B 175 -7.82 7.50 11.20
N ASN B 176 -7.37 6.25 11.05
CA ASN B 176 -8.23 5.09 11.39
C ASN B 176 -8.73 5.27 12.84
N ILE B 177 -7.81 5.61 13.73
CA ILE B 177 -8.08 5.77 15.18
C ILE B 177 -8.96 7.01 15.37
N ALA B 178 -8.57 8.13 14.79
CA ALA B 178 -9.31 9.42 14.96
C ALA B 178 -10.79 9.19 14.62
N TYR B 179 -11.06 8.46 13.56
CA TYR B 179 -12.43 8.31 13.00
C TYR B 179 -13.17 7.11 13.62
N GLY B 180 -12.51 6.33 14.46
CA GLY B 180 -13.13 5.26 15.26
C GLY B 180 -13.11 3.90 14.59
N GLU B 181 -12.35 3.70 13.49
CA GLU B 181 -12.20 2.38 12.81
C GLU B 181 -11.36 1.45 13.72
N ALA B 182 -10.57 1.99 14.64
CA ALA B 182 -9.70 1.23 15.56
C ALA B 182 -9.40 2.08 16.79
N ASP B 183 -8.99 1.47 17.89
CA ASP B 183 -8.52 2.22 19.07
C ASP B 183 -7.00 2.22 19.13
N VAL B 184 -6.37 1.22 18.52
CA VAL B 184 -4.89 1.04 18.53
C VAL B 184 -4.46 0.61 17.15
N MET B 185 -3.38 1.18 16.64
CA MET B 185 -2.77 0.71 15.38
C MET B 185 -1.27 0.62 15.62
N VAL B 186 -0.69 -0.51 15.16
CA VAL B 186 0.77 -0.66 14.97
C VAL B 186 1.07 -0.16 13.54
N ALA B 187 1.87 0.89 13.42
CA ALA B 187 2.07 1.55 12.12
C ALA B 187 3.52 1.97 11.92
N GLY B 188 3.93 1.94 10.67
CA GLY B 188 5.33 2.24 10.32
C GLY B 188 5.69 1.62 9.00
N GLY B 189 6.98 1.32 8.82
CA GLY B 189 7.48 0.80 7.55
C GLY B 189 8.72 0.00 7.77
N SER B 190 9.07 -0.79 6.76
CA SER B 190 10.32 -1.55 6.75
C SER B 190 10.81 -1.69 5.32
N GLU B 191 12.11 -1.82 5.21
CA GLU B 191 12.76 -1.85 3.90
C GLU B 191 14.04 -2.63 4.03
N MET B 192 14.29 -3.44 3.02
CA MET B 192 15.62 -4.04 2.73
CA MET B 192 15.63 -4.01 2.71
C MET B 192 15.77 -4.16 1.20
N ALA B 193 16.29 -3.12 0.54
CA ALA B 193 16.37 -3.08 -0.93
C ALA B 193 17.84 -3.24 -1.35
N ALA B 194 18.72 -3.68 -0.43
CA ALA B 194 20.18 -3.78 -0.64
C ALA B 194 20.52 -5.15 -1.23
N CYS B 195 19.99 -5.43 -2.40
CA CYS B 195 20.39 -6.58 -3.25
C CYS B 195 20.83 -5.99 -4.60
N GLY B 196 21.29 -6.83 -5.52
CA GLY B 196 21.76 -6.40 -6.86
C GLY B 196 20.71 -5.55 -7.55
N LEU B 197 19.44 -5.93 -7.50
CA LEU B 197 18.40 -5.15 -8.21
C LEU B 197 18.23 -3.77 -7.56
N GLY B 198 18.26 -3.70 -6.23
CA GLY B 198 18.09 -2.41 -5.54
C GLY B 198 19.27 -1.48 -5.78
N LEU B 199 20.48 -1.92 -5.45
CA LEU B 199 21.69 -1.08 -5.64
C LEU B 199 21.87 -0.80 -7.13
N GLY B 200 21.63 -1.79 -7.99
CA GLY B 200 21.77 -1.61 -9.45
C GLY B 200 20.69 -0.70 -10.00
N GLY B 201 19.45 -0.86 -9.55
CA GLY B 201 18.33 -0.04 -10.05
C GLY B 201 18.53 1.43 -9.69
N PHE B 202 18.80 1.75 -8.43
CA PHE B 202 19.04 3.14 -7.98
C PHE B 202 20.33 3.66 -8.64
N GLY B 203 21.35 2.80 -8.75
CA GLY B 203 22.59 3.08 -9.48
C GLY B 203 22.30 3.47 -10.92
N ALA B 204 21.43 2.73 -11.61
CA ALA B 204 21.11 2.94 -13.04
C ALA B 204 20.45 4.31 -13.19
N ALA B 205 19.77 4.79 -12.16
CA ALA B 205 19.10 6.12 -12.20
C ALA B 205 20.11 7.21 -11.81
N ARG B 206 21.33 6.85 -11.38
CA ARG B 206 22.37 7.80 -10.91
C ARG B 206 21.85 8.51 -9.65
N ALA B 207 21.00 7.87 -8.84
CA ALA B 207 20.33 8.43 -7.64
C ALA B 207 21.22 8.36 -6.40
N LEU B 208 22.23 7.47 -6.39
CA LEU B 208 23.05 7.10 -5.22
C LEU B 208 24.35 7.89 -5.20
N SER B 209 24.80 8.31 -4.04
CA SER B 209 26.18 8.79 -3.82
C SER B 209 27.13 7.69 -4.29
N THR B 210 28.22 8.06 -4.97
CA THR B 210 29.28 7.11 -5.39
C THR B 210 30.55 7.40 -4.58
N ARG B 211 30.41 7.98 -3.38
CA ARG B 211 31.55 8.31 -2.48
C ARG B 211 32.03 7.07 -1.74
N ASN B 212 32.49 6.08 -2.50
CA ASN B 212 32.94 4.75 -2.02
C ASN B 212 34.13 4.94 -1.10
N ASP B 213 34.93 5.98 -1.35
CA ASP B 213 36.20 6.18 -0.61
C ASP B 213 35.87 6.65 0.81
N GLU B 214 34.72 7.28 1.06
CA GLU B 214 34.41 7.76 2.44
C GLU B 214 32.92 7.58 2.70
N PRO B 215 32.47 6.32 2.90
CA PRO B 215 31.04 6.07 2.98
C PRO B 215 30.35 6.87 4.11
N THR B 216 30.99 7.07 5.25
CA THR B 216 30.37 7.79 6.41
C THR B 216 30.15 9.25 6.05
N ARG B 217 30.82 9.76 5.01
CA ARG B 217 30.74 11.19 4.58
C ARG B 217 29.82 11.35 3.36
N ALA B 218 29.31 10.25 2.80
CA ALA B 218 28.52 10.24 1.56
C ALA B 218 27.19 11.01 1.76
N SER B 219 26.43 10.69 2.80
CA SER B 219 25.13 11.35 3.08
C SER B 219 25.41 12.70 3.74
N ARG B 220 25.25 13.80 3.00
CA ARG B 220 25.62 15.17 3.48
C ARG B 220 24.53 16.12 3.03
N PRO B 221 23.29 15.96 3.58
CA PRO B 221 22.17 16.81 3.17
C PRO B 221 22.54 18.30 3.27
N TRP B 222 22.14 19.03 2.22
CA TRP B 222 22.32 20.50 2.03
C TRP B 222 23.80 20.86 1.83
N ASP B 223 24.71 19.91 1.85
CA ASP B 223 26.14 20.22 1.64
C ASP B 223 26.36 20.45 0.13
N ARG B 224 27.21 21.41 -0.23
CA ARG B 224 27.64 21.69 -1.63
C ARG B 224 28.13 20.43 -2.34
N ASP B 225 28.75 19.49 -1.64
CA ASP B 225 29.44 18.36 -2.32
C ASP B 225 28.56 17.09 -2.34
N ARG B 226 27.28 17.21 -2.00
CA ARG B 226 26.36 16.04 -2.00
C ARG B 226 26.19 15.54 -3.44
N ASP B 227 25.98 14.26 -3.61
CA ASP B 227 25.93 13.60 -4.95
C ASP B 227 24.94 12.45 -4.93
N GLY B 228 23.87 12.56 -4.14
CA GLY B 228 22.76 11.58 -4.16
C GLY B 228 22.65 10.84 -2.83
N PHE B 229 21.61 10.03 -2.69
CA PHE B 229 21.32 9.44 -1.37
C PHE B 229 22.11 8.15 -1.18
N VAL B 230 22.11 7.73 0.08
CA VAL B 230 22.75 6.50 0.62
C VAL B 230 21.62 5.51 0.95
N LEU B 231 21.71 4.30 0.38
CA LEU B 231 20.65 3.28 0.51
C LEU B 231 20.85 2.60 1.86
N SER B 232 19.78 2.51 2.65
CA SER B 232 19.81 1.97 4.03
C SER B 232 18.61 1.06 4.24
N ASP B 233 18.76 0.19 5.22
CA ASP B 233 17.79 -0.86 5.55
C ASP B 233 17.25 -0.58 6.96
N GLY B 234 16.06 -1.06 7.23
CA GLY B 234 15.57 -1.25 8.59
C GLY B 234 14.07 -1.06 8.68
N SER B 235 13.61 -0.62 9.83
CA SER B 235 12.17 -0.56 10.13
C SER B 235 11.93 0.31 11.34
N GLY B 236 10.77 0.96 11.33
CA GLY B 236 10.19 1.69 12.46
C GLY B 236 8.76 1.26 12.60
N ALA B 237 8.31 1.13 13.84
CA ALA B 237 6.90 0.88 14.17
C ALA B 237 6.55 1.74 15.37
N LEU B 238 5.35 2.29 15.33
CA LEU B 238 4.81 3.02 16.48
CA LEU B 238 4.74 3.11 16.40
C LEU B 238 3.48 2.37 16.86
N VAL B 239 3.23 2.34 18.16
CA VAL B 239 1.88 1.97 18.62
C VAL B 239 1.13 3.29 18.75
N LEU B 240 0.13 3.46 17.90
CA LEU B 240 -0.77 4.64 17.97
CA LEU B 240 -0.78 4.63 17.97
C LEU B 240 -2.01 4.22 18.77
N GLU B 241 -2.54 5.13 19.57
CA GLU B 241 -3.63 4.79 20.52
C GLU B 241 -4.53 5.99 20.69
N GLU B 242 -5.82 5.75 20.65
CA GLU B 242 -6.81 6.79 21.00
C GLU B 242 -6.44 7.31 22.40
N LEU B 243 -6.50 8.63 22.60
CA LEU B 243 -6.03 9.29 23.83
C LEU B 243 -6.76 8.70 25.06
N GLU B 244 -8.08 8.65 25.05
CA GLU B 244 -8.89 8.22 26.23
C GLU B 244 -8.57 6.75 26.52
N HIS B 245 -8.35 5.93 25.48
CA HIS B 245 -7.93 4.52 25.60
C HIS B 245 -6.58 4.48 26.31
N ALA B 246 -5.66 5.38 25.97
CA ALA B 246 -4.32 5.38 26.58
C ALA B 246 -4.42 5.81 28.04
N ARG B 247 -5.19 6.87 28.32
CA ARG B 247 -5.42 7.39 29.70
C ARG B 247 -6.04 6.30 30.55
N ALA B 248 -7.07 5.62 30.03
CA ALA B 248 -7.86 4.60 30.76
C ALA B 248 -6.92 3.51 31.28
N ARG B 249 -5.93 3.07 30.48
CA ARG B 249 -5.07 1.92 30.90
C ARG B 249 -3.80 2.43 31.57
N GLY B 250 -3.62 3.75 31.71
CA GLY B 250 -2.40 4.30 32.33
C GLY B 250 -1.18 4.14 31.45
N ALA B 251 -1.33 4.21 30.12
CA ALA B 251 -0.20 4.07 29.18
C ALA B 251 0.77 5.23 29.40
N ARG B 252 2.05 4.95 29.22
CA ARG B 252 3.10 5.98 29.09
C ARG B 252 2.94 6.60 27.71
N ILE B 253 2.63 7.89 27.66
CA ILE B 253 2.42 8.61 26.36
C ILE B 253 3.71 9.35 25.99
N TYR B 254 4.27 9.07 24.81
CA TYR B 254 5.50 9.77 24.37
C TYR B 254 5.18 11.16 23.84
N ALA B 255 4.07 11.29 23.13
CA ALA B 255 3.72 12.52 22.40
C ALA B 255 2.37 12.31 21.74
N GLU B 256 1.78 13.39 21.28
CA GLU B 256 0.50 13.38 20.58
C GLU B 256 0.78 13.60 19.09
N LEU B 257 0.12 12.81 18.26
CA LEU B 257 0.16 13.00 16.79
C LEU B 257 -0.99 13.96 16.49
N VAL B 258 -0.70 15.22 16.18
CA VAL B 258 -1.78 16.26 16.06
C VAL B 258 -2.08 16.60 14.59
N GLY B 259 -1.16 16.35 13.68
CA GLY B 259 -1.27 16.81 12.29
C GLY B 259 -0.79 15.77 11.30
N PHE B 260 -1.55 15.58 10.23
CA PHE B 260 -1.15 14.74 9.09
C PHE B 260 -1.60 15.42 7.82
N GLY B 261 -0.62 15.63 6.93
CA GLY B 261 -0.82 16.21 5.60
C GLY B 261 -0.38 15.23 4.55
N MET B 262 -1.10 15.20 3.45
CA MET B 262 -0.72 14.48 2.22
C MET B 262 -0.89 15.48 1.09
N SER B 263 -0.12 15.30 0.03
CA SER B 263 -0.30 16.00 -1.25
C SER B 263 0.47 15.27 -2.37
N GLY B 264 0.10 15.58 -3.61
CA GLY B 264 0.88 15.24 -4.80
C GLY B 264 1.47 16.49 -5.36
N ASP B 265 2.75 16.44 -5.78
CA ASP B 265 3.43 17.51 -6.55
C ASP B 265 2.69 17.65 -7.88
N ALA B 266 2.24 16.54 -8.45
CA ALA B 266 1.66 16.47 -9.81
C ALA B 266 2.65 17.13 -10.80
N PHE B 267 3.94 16.85 -10.66
CA PHE B 267 5.01 17.50 -11.45
C PHE B 267 5.85 16.45 -12.20
N HIS B 268 6.57 15.58 -11.50
CA HIS B 268 7.56 14.66 -12.13
C HIS B 268 7.62 13.35 -11.32
N MET B 269 7.90 12.23 -11.97
CA MET B 269 7.98 10.91 -11.32
C MET B 269 9.15 10.88 -10.33
N THR B 270 10.26 11.53 -10.64
CA THR B 270 11.50 11.33 -9.84
C THR B 270 12.08 12.64 -9.31
N ALA B 271 11.66 13.80 -9.81
CA ALA B 271 12.29 15.10 -9.48
C ALA B 271 11.24 15.98 -8.82
N PRO B 272 11.59 16.77 -7.78
CA PRO B 272 10.62 17.71 -7.21
C PRO B 272 10.58 19.00 -7.99
N PRO B 273 9.50 19.80 -7.92
CA PRO B 273 9.54 21.14 -8.49
C PRO B 273 10.56 21.93 -7.65
N GLU B 274 11.30 22.86 -8.28
CA GLU B 274 12.41 23.62 -7.66
C GLU B 274 11.92 24.43 -6.45
N ASP B 275 10.68 24.92 -6.49
CA ASP B 275 10.04 25.70 -5.38
C ASP B 275 9.50 24.76 -4.30
N GLY B 276 9.49 23.45 -4.50
CA GLY B 276 8.98 22.53 -3.45
C GLY B 276 7.53 22.84 -3.11
N ALA B 277 6.73 23.26 -4.08
CA ALA B 277 5.32 23.63 -3.90
C ALA B 277 4.51 22.44 -3.33
N GLY B 278 4.82 21.20 -3.72
CA GLY B 278 4.08 20.03 -3.20
C GLY B 278 4.33 19.85 -1.72
N ALA B 279 5.60 19.94 -1.31
CA ALA B 279 6.02 19.84 0.10
C ALA B 279 5.38 20.98 0.89
N ALA B 280 5.32 22.16 0.30
CA ALA B 280 4.74 23.34 0.95
C ALA B 280 3.25 23.08 1.17
N ARG B 281 2.52 22.61 0.16
CA ARG B 281 1.06 22.33 0.31
C ARG B 281 0.85 21.28 1.41
N CYS B 282 1.65 20.22 1.39
CA CYS B 282 1.56 19.11 2.36
C CYS B 282 1.78 19.64 3.80
N MET B 283 2.82 20.43 4.02
CA MET B 283 3.13 20.93 5.37
C MET B 283 1.99 21.84 5.82
N LYS B 284 1.46 22.68 4.93
CA LYS B 284 0.39 23.61 5.32
C LYS B 284 -0.85 22.79 5.67
N ASN B 285 -1.16 21.76 4.89
CA ASN B 285 -2.29 20.86 5.21
CA ASN B 285 -2.29 20.86 5.21
C ASN B 285 -2.12 20.31 6.62
N ALA B 286 -0.91 19.86 6.99
CA ALA B 286 -0.64 19.16 8.25
C ALA B 286 -0.80 20.17 9.41
N LEU B 287 -0.33 21.38 9.21
CA LEU B 287 -0.32 22.44 10.23
C LEU B 287 -1.76 22.88 10.51
N ARG B 288 -2.57 23.01 9.47
CA ARG B 288 -4.00 23.36 9.64
C ARG B 288 -4.69 22.17 10.32
N ASP B 289 -4.34 20.96 9.87
CA ASP B 289 -4.89 19.73 10.46
C ASP B 289 -4.63 19.77 11.97
N ALA B 290 -3.47 20.28 12.36
CA ALA B 290 -3.02 20.31 13.77
C ALA B 290 -3.60 21.53 14.52
N GLY B 291 -4.29 22.44 13.83
CA GLY B 291 -4.83 23.66 14.46
C GLY B 291 -3.71 24.55 14.95
N LEU B 292 -2.60 24.60 14.23
CA LEU B 292 -1.36 25.32 14.67
C LEU B 292 -1.11 26.58 13.82
N ASP B 293 -0.46 27.55 14.46
CA ASP B 293 0.27 28.70 13.87
C ASP B 293 1.59 28.11 13.40
N PRO B 294 2.05 28.31 12.16
CA PRO B 294 3.34 27.74 11.75
C PRO B 294 4.45 28.15 12.73
N ARG B 295 4.32 29.29 13.42
CA ARG B 295 5.38 29.73 14.38
C ARG B 295 5.50 28.78 15.55
N GLN B 296 4.56 27.83 15.73
CA GLN B 296 4.63 26.87 16.87
C GLN B 296 5.63 25.79 16.53
N VAL B 297 6.00 25.63 15.25
CA VAL B 297 6.94 24.54 14.87
C VAL B 297 8.35 24.89 15.35
N ASP B 298 8.91 24.06 16.22
CA ASP B 298 10.29 24.21 16.76
C ASP B 298 11.29 23.35 15.98
N TYR B 299 10.91 22.15 15.54
CA TYR B 299 11.87 21.18 14.95
C TYR B 299 11.22 20.52 13.75
N ILE B 300 11.94 20.49 12.64
CA ILE B 300 11.55 19.74 11.43
C ILE B 300 12.59 18.63 11.24
N ASN B 301 12.12 17.38 11.27
CA ASN B 301 12.92 16.27 10.73
C ASN B 301 12.68 16.26 9.23
N ALA B 302 13.69 16.70 8.46
CA ALA B 302 13.55 16.89 7.00
C ALA B 302 13.55 15.55 6.31
N HIS B 303 13.06 15.53 5.08
CA HIS B 303 13.25 14.34 4.23
C HIS B 303 14.76 14.27 3.97
N GLY B 304 15.36 15.40 3.58
CA GLY B 304 16.81 15.64 3.57
C GLY B 304 17.63 14.44 3.09
N THR B 305 17.47 14.03 1.84
CA THR B 305 18.01 12.77 1.28
C THR B 305 19.47 12.90 0.79
N SER B 306 20.03 14.10 0.70
CA SER B 306 21.40 14.31 0.16
C SER B 306 21.40 14.23 -1.37
N THR B 307 20.29 14.58 -2.02
CA THR B 307 20.22 14.69 -3.50
C THR B 307 20.36 16.17 -3.81
N PRO B 308 21.00 16.50 -4.96
CA PRO B 308 21.09 17.89 -5.43
C PRO B 308 19.74 18.61 -5.51
N ALA B 309 18.74 18.05 -6.18
CA ALA B 309 17.47 18.75 -6.41
C ALA B 309 16.64 18.73 -5.11
N GLY B 310 16.59 17.59 -4.40
CA GLY B 310 15.67 17.36 -3.28
C GLY B 310 15.96 18.31 -2.15
N ASP B 311 17.21 18.38 -1.73
CA ASP B 311 17.61 19.12 -0.50
C ASP B 311 17.18 20.59 -0.65
N ILE B 312 17.44 21.18 -1.81
CA ILE B 312 17.23 22.64 -2.02
C ILE B 312 15.73 22.94 -2.16
N ALA B 313 14.95 22.04 -2.75
CA ALA B 313 13.49 22.22 -2.92
C ALA B 313 12.84 22.19 -1.54
N GLU B 314 13.35 21.38 -0.62
CA GLU B 314 12.85 21.26 0.76
C GLU B 314 13.14 22.56 1.49
N ILE B 315 14.33 23.16 1.33
CA ILE B 315 14.60 24.51 1.93
C ILE B 315 13.52 25.45 1.38
N ALA B 316 13.28 25.38 0.07
CA ALA B 316 12.38 26.34 -0.62
C ALA B 316 11.00 26.23 0.02
N ALA B 317 10.52 24.99 0.23
CA ALA B 317 9.19 24.66 0.79
C ALA B 317 9.12 25.21 2.21
N VAL B 318 10.17 25.03 3.01
CA VAL B 318 10.18 25.44 4.43
C VAL B 318 10.15 26.96 4.51
N LYS B 319 10.95 27.61 3.68
CA LYS B 319 10.98 29.09 3.61
C LYS B 319 9.61 29.62 3.22
N SER B 320 8.94 28.99 2.25
CA SER B 320 7.60 29.41 1.78
CA SER B 320 7.59 29.41 1.79
C SER B 320 6.57 29.26 2.92
N VAL B 321 6.60 28.12 3.63
CA VAL B 321 5.58 27.81 4.65
C VAL B 321 5.81 28.70 5.87
N PHE B 322 7.05 28.86 6.30
CA PHE B 322 7.35 29.45 7.64
C PHE B 322 7.85 30.88 7.56
N GLY B 323 8.15 31.40 6.36
CA GLY B 323 8.62 32.78 6.18
C GLY B 323 9.75 33.07 7.17
N GLU B 324 9.65 34.17 7.93
CA GLU B 324 10.74 34.59 8.86
C GLU B 324 10.92 33.54 9.97
N HIS B 325 9.86 32.83 10.36
CA HIS B 325 9.98 31.75 11.38
C HIS B 325 10.91 30.62 10.88
N ALA B 326 11.10 30.44 9.58
CA ALA B 326 12.07 29.47 9.01
C ALA B 326 13.48 29.66 9.61
N HIS B 327 13.80 30.89 10.04
CA HIS B 327 15.07 31.28 10.72
C HIS B 327 15.06 31.02 12.24
N ALA B 328 13.94 30.61 12.82
CA ALA B 328 13.84 30.41 14.29
C ALA B 328 13.80 28.91 14.62
N LEU B 329 13.13 28.12 13.77
CA LEU B 329 13.02 26.65 13.95
C LEU B 329 14.38 26.01 13.66
N SER B 330 14.56 24.78 14.13
CA SER B 330 15.70 23.91 13.78
C SER B 330 15.21 22.86 12.79
N MET B 331 15.88 22.69 11.66
CA MET B 331 15.59 21.57 10.72
C MET B 331 16.83 20.68 10.60
N SER B 332 16.69 19.36 10.74
CA SER B 332 17.85 18.46 10.49
C SER B 332 17.43 17.25 9.67
N SER B 333 18.42 16.63 9.05
CA SER B 333 18.30 15.35 8.32
C SER B 333 19.09 14.29 9.09
N THR B 334 18.37 13.36 9.68
CA THR B 334 18.96 12.21 10.38
C THR B 334 19.47 11.23 9.32
N LYS B 335 19.09 11.43 8.06
CA LYS B 335 19.62 10.64 6.94
C LYS B 335 21.11 10.92 6.76
N SER B 336 21.59 12.03 7.28
CA SER B 336 23.05 12.30 7.39
C SER B 336 23.74 11.10 8.08
N MET B 337 23.09 10.45 9.04
CA MET B 337 23.68 9.33 9.85
C MET B 337 23.15 7.97 9.43
N THR B 338 21.86 7.89 9.10
CA THR B 338 21.18 6.59 8.89
C THR B 338 21.21 6.21 7.42
N GLY B 339 21.44 7.17 6.55
CA GLY B 339 21.07 7.07 5.14
C GLY B 339 19.57 7.02 4.98
N HIS B 340 19.15 6.65 3.79
CA HIS B 340 17.76 6.70 3.33
C HIS B 340 17.14 5.30 3.45
N LEU B 341 16.27 5.12 4.43
CA LEU B 341 15.62 3.80 4.65
C LEU B 341 14.40 3.66 3.74
N LEU B 342 14.24 4.55 2.76
CA LEU B 342 13.19 4.47 1.74
C LEU B 342 11.83 4.33 2.42
N GLY B 343 11.12 3.20 2.24
CA GLY B 343 9.79 3.03 2.84
C GLY B 343 9.83 3.14 4.36
N ALA B 344 10.96 2.85 5.00
CA ALA B 344 11.04 2.92 6.47
C ALA B 344 11.49 4.31 6.93
N ALA B 345 11.96 5.17 6.01
CA ALA B 345 12.58 6.47 6.36
C ALA B 345 11.60 7.24 7.24
N GLY B 346 10.34 7.33 6.83
CA GLY B 346 9.33 8.13 7.53
C GLY B 346 9.01 7.55 8.90
N ALA B 347 9.10 6.23 9.05
CA ALA B 347 8.82 5.51 10.30
C ALA B 347 9.94 5.78 11.32
N VAL B 348 11.18 5.57 10.94
CA VAL B 348 12.29 5.80 11.92
C VAL B 348 12.35 7.30 12.24
N GLU B 349 11.99 8.15 11.29
CA GLU B 349 12.09 9.62 11.45
C GLU B 349 10.92 10.16 12.27
N ALA B 350 9.75 9.55 12.20
CA ALA B 350 8.64 9.82 13.13
C ALA B 350 9.12 9.52 14.56
N ILE B 351 9.87 8.44 14.74
CA ILE B 351 10.35 8.02 16.07
C ILE B 351 11.39 9.07 16.53
N PHE B 352 12.29 9.48 15.63
CA PHE B 352 13.34 10.48 15.96
C PHE B 352 12.69 11.82 16.32
N SER B 353 11.64 12.23 15.62
CA SER B 353 10.85 13.46 15.95
C SER B 353 10.21 13.34 17.33
N VAL B 354 9.65 12.19 17.67
CA VAL B 354 8.97 11.99 18.99
C VAL B 354 10.05 12.05 20.08
N LEU B 355 11.22 11.47 19.84
CA LEU B 355 12.30 11.47 20.84
C LEU B 355 12.92 12.88 20.94
N ALA B 356 12.90 13.68 19.86
CA ALA B 356 13.31 15.10 19.90
C ALA B 356 12.39 15.84 20.88
N LEU B 357 11.11 15.46 20.92
CA LEU B 357 10.13 16.06 21.85
C LEU B 357 10.41 15.54 23.27
N ARG B 358 10.63 14.23 23.47
CA ARG B 358 10.86 13.70 24.83
C ARG B 358 12.12 14.37 25.42
N ASP B 359 13.21 14.47 24.66
CA ASP B 359 14.54 14.83 25.24
C ASP B 359 14.90 16.29 24.97
N GLN B 360 14.06 17.04 24.25
CA GLN B 360 14.26 18.50 24.00
C GLN B 360 15.60 18.72 23.33
N VAL B 361 15.87 17.96 22.28
CA VAL B 361 17.16 18.08 21.53
C VAL B 361 16.85 17.88 20.07
N ALA B 362 17.41 18.75 19.22
CA ALA B 362 17.39 18.59 17.77
C ALA B 362 18.57 17.73 17.37
N PRO B 363 18.31 16.59 16.73
CA PRO B 363 19.38 15.78 16.16
C PRO B 363 20.20 16.57 15.14
N PRO B 364 21.49 16.22 14.97
CA PRO B 364 22.36 16.90 14.02
C PRO B 364 22.12 16.47 12.57
N THR B 365 22.46 17.36 11.63
CA THR B 365 22.79 16.99 10.24
C THR B 365 24.31 16.82 10.21
N ILE B 366 24.82 15.59 10.27
CA ILE B 366 26.30 15.40 10.17
C ILE B 366 26.71 15.62 8.72
N ASN B 367 27.99 15.90 8.52
CA ASN B 367 28.66 16.11 7.21
C ASN B 367 28.30 17.44 6.57
N LEU B 368 27.57 18.32 7.24
CA LEU B 368 27.14 19.59 6.61
C LEU B 368 28.31 20.56 6.75
N ASP B 369 29.38 20.30 6.01
CA ASP B 369 30.67 21.04 6.12
C ASP B 369 30.52 22.37 5.39
N ASN B 370 29.86 22.38 4.23
CA ASN B 370 29.74 23.60 3.39
C ASN B 370 28.30 23.72 2.93
N PRO B 371 27.40 24.36 3.70
CA PRO B 371 26.03 24.55 3.24
C PRO B 371 25.98 25.15 1.83
N ASP B 372 25.04 24.66 1.03
CA ASP B 372 24.90 25.12 -0.37
C ASP B 372 24.17 26.45 -0.36
N GLU B 373 24.17 27.09 -1.55
CA GLU B 373 23.53 28.41 -1.77
C GLU B 373 22.08 28.32 -1.30
N GLY B 374 21.67 29.23 -0.41
CA GLY B 374 20.27 29.37 0.05
C GLY B 374 19.95 28.46 1.22
N CYS B 375 20.90 27.63 1.68
CA CYS B 375 20.74 26.67 2.81
C CYS B 375 21.22 27.37 4.05
N ASP B 376 20.52 28.45 4.41
CA ASP B 376 20.98 29.39 5.46
C ASP B 376 20.03 29.33 6.65
N LEU B 377 19.28 28.23 6.80
CA LEU B 377 18.47 27.99 8.02
C LEU B 377 19.38 27.36 9.08
N ASP B 378 18.87 27.24 10.31
CA ASP B 378 19.49 26.38 11.36
C ASP B 378 19.29 24.90 10.96
N LEU B 379 20.29 24.29 10.36
CA LEU B 379 20.19 22.88 9.87
C LEU B 379 20.91 21.94 10.84
N VAL B 380 21.25 22.45 12.01
CA VAL B 380 21.86 21.72 13.15
C VAL B 380 23.11 20.99 12.68
N ALA B 381 23.99 21.72 12.00
CA ALA B 381 25.23 21.17 11.43
C ALA B 381 26.04 20.53 12.55
N HIS B 382 26.48 19.29 12.30
CA HIS B 382 27.55 18.54 13.02
C HIS B 382 27.10 17.95 14.36
N GLU B 383 26.41 18.71 15.22
CA GLU B 383 26.23 18.32 16.65
C GLU B 383 24.79 18.53 17.13
N ALA B 384 24.32 17.65 17.99
CA ALA B 384 22.93 17.70 18.49
C ALA B 384 22.79 19.05 19.19
N LYS B 385 21.62 19.66 19.09
CA LYS B 385 21.36 20.96 19.75
C LYS B 385 20.19 20.83 20.72
N PRO B 386 20.45 20.83 22.04
CA PRO B 386 19.39 21.06 23.03
C PRO B 386 18.69 22.38 22.75
N ARG B 387 17.35 22.34 22.70
CA ARG B 387 16.50 23.52 22.46
C ARG B 387 15.06 23.17 22.86
N LYS B 388 14.21 24.18 22.94
CA LYS B 388 12.78 23.99 23.27
C LYS B 388 12.15 23.35 22.03
N ILE B 389 11.47 22.24 22.22
CA ILE B 389 10.68 21.63 21.13
C ILE B 389 9.31 21.29 21.72
N ASP B 390 8.31 22.08 21.38
CA ASP B 390 6.92 21.73 21.75
C ASP B 390 6.23 21.02 20.57
N VAL B 391 6.58 21.38 19.35
CA VAL B 391 5.97 20.83 18.11
C VAL B 391 7.11 20.41 17.18
N ALA B 392 7.06 19.18 16.66
CA ALA B 392 8.03 18.63 15.70
C ALA B 392 7.27 18.08 14.49
N LEU B 393 7.86 18.30 13.33
CA LEU B 393 7.26 18.03 12.02
C LEU B 393 8.23 17.09 11.32
N SER B 394 7.71 16.01 10.76
CA SER B 394 8.50 15.08 9.95
C SER B 394 7.95 15.08 8.54
N ASN B 395 8.82 15.33 7.56
CA ASN B 395 8.48 15.33 6.11
C ASN B 395 9.03 14.09 5.42
N SER B 396 8.27 13.56 4.47
CA SER B 396 8.69 12.49 3.52
C SER B 396 8.16 12.90 2.14
N PHE B 397 8.97 12.75 1.11
CA PHE B 397 8.64 12.98 -0.30
C PHE B 397 9.08 11.75 -1.07
N GLY B 398 8.29 11.35 -2.07
CA GLY B 398 8.54 10.06 -2.74
C GLY B 398 8.42 10.16 -4.24
N PHE B 399 8.95 9.15 -4.92
CA PHE B 399 8.69 8.91 -6.37
C PHE B 399 7.19 9.07 -6.61
N GLY B 400 6.87 9.77 -7.70
CA GLY B 400 5.49 10.11 -8.08
C GLY B 400 5.12 11.47 -7.52
N GLY B 401 6.01 12.10 -6.77
CA GLY B 401 5.72 13.41 -6.14
C GLY B 401 4.70 13.27 -5.02
N THR B 402 4.74 12.16 -4.30
CA THR B 402 3.80 11.88 -3.18
C THR B 402 4.45 12.39 -1.90
N ASN B 403 3.72 13.22 -1.15
CA ASN B 403 4.24 13.98 0.02
C ASN B 403 3.44 13.61 1.26
N GLY B 404 4.14 13.54 2.38
CA GLY B 404 3.50 13.31 3.67
C GLY B 404 4.17 14.12 4.72
N THR B 405 3.38 14.64 5.66
CA THR B 405 3.89 15.43 6.80
C THR B 405 3.17 14.97 8.08
N LEU B 406 3.96 14.62 9.10
CA LEU B 406 3.44 14.34 10.44
C LEU B 406 3.81 15.49 11.37
N VAL B 407 2.86 15.87 12.21
CA VAL B 407 3.09 16.90 13.27
C VAL B 407 2.80 16.26 14.62
N PHE B 408 3.80 16.29 15.50
CA PHE B 408 3.76 15.75 16.86
C PHE B 408 3.91 16.92 17.82
N ARG B 409 3.27 16.80 18.97
CA ARG B 409 3.48 17.78 20.07
C ARG B 409 3.64 17.03 21.39
N ARG B 410 4.35 17.65 22.33
CA ARG B 410 4.49 17.09 23.70
C ARG B 410 3.09 16.94 24.27
N PHE B 411 2.88 15.94 25.12
CA PHE B 411 1.55 15.72 25.76
C PHE B 411 1.70 15.83 27.27
N ALA B 412 0.89 16.69 27.90
CA ALA B 412 0.79 16.92 29.38
C ALA B 412 1.26 15.71 30.18
#